data_2EJV
#
_entry.id   2EJV
#
_cell.length_a   135.758
_cell.length_b   135.758
_cell.length_c   268.593
_cell.angle_alpha   90.00
_cell.angle_beta   90.00
_cell.angle_gamma   120.00
#
_symmetry.space_group_name_H-M   'P 61 2 2'
#
loop_
_entity.id
_entity.type
_entity.pdbx_description
1 polymer 'L-threonine 3-dehydrogenase'
2 non-polymer 'ZINC ION'
3 non-polymer NICOTINAMIDE-ADENINE-DINUCLEOTIDE
4 water water
#
_entity_poly.entity_id   1
_entity_poly.type   'polypeptide(L)'
_entity_poly.pdbx_seq_one_letter_code
;MRALAKLAPEEGLTLVDRPVPEPGPGEILVRVEAASICGTDLHIWKWDAWARGRIRPPLVTGHEFSGVVEAVGPGVRRPQ
VGDHVSLESHIVCHACPACRTGNYHVCLNTQILGVDRDGGFAEYVVVPAENAWVNPKDLPFEVAAILEPFGNAVHTVYAG
SGVSGKSVLITGAGPIGLMAAMVVRASGAGPILVSDPNPYRLAFARPYADRLVNPLEEDLLEVVRRVTGSGVEVLLEFSG
NEAAIHQGLMALIPGGEARILGIPSDPIRFDLAGELVMRGITAFGIAGRRLWQTWMQGTALVYSGRVDLSPLLTHRLPLS
RYREAFGLLASGQAVKVILDPKA
;
_entity_poly.pdbx_strand_id   A,B
#
loop_
_chem_comp.id
_chem_comp.type
_chem_comp.name
_chem_comp.formula
NAD non-polymer NICOTINAMIDE-ADENINE-DINUCLEOTIDE 'C21 H27 N7 O14 P2'
ZN non-polymer 'ZINC ION' 'Zn 2'
#
# COMPACT_ATOMS: atom_id res chain seq x y z
N MET A 1 -44.62 13.13 8.09
CA MET A 1 -43.34 12.41 8.37
C MET A 1 -42.34 13.31 9.10
N ARG A 2 -41.79 12.79 10.19
CA ARG A 2 -40.79 13.50 10.99
C ARG A 2 -39.43 13.27 10.33
N ALA A 3 -38.63 14.33 10.21
CA ALA A 3 -37.32 14.20 9.60
C ALA A 3 -36.37 15.23 10.19
N LEU A 4 -35.08 14.87 10.24
CA LEU A 4 -34.06 15.78 10.77
C LEU A 4 -33.28 16.25 9.54
N ALA A 5 -33.19 17.56 9.35
CA ALA A 5 -32.49 18.09 8.17
C ALA A 5 -31.61 19.30 8.42
N LYS A 6 -30.68 19.51 7.51
CA LYS A 6 -29.79 20.67 7.53
C LYS A 6 -30.50 21.58 6.54
N LEU A 7 -31.01 22.71 7.03
CA LEU A 7 -31.76 23.62 6.17
C LEU A 7 -31.01 24.83 5.63
N ALA A 8 -29.85 25.13 6.19
CA ALA A 8 -29.08 26.30 5.73
C ALA A 8 -27.60 26.17 6.05
N PRO A 9 -26.75 26.91 5.33
CA PRO A 9 -25.30 26.88 5.53
C PRO A 9 -24.90 27.29 6.94
N GLU A 10 -25.24 26.46 7.93
CA GLU A 10 -24.93 26.81 9.31
C GLU A 10 -24.81 25.60 10.21
N GLU A 11 -24.44 25.83 11.47
CA GLU A 11 -24.29 24.76 12.43
C GLU A 11 -25.67 24.17 12.81
N GLY A 12 -25.65 22.97 13.39
CA GLY A 12 -26.87 22.32 13.82
C GLY A 12 -27.79 21.71 12.77
N LEU A 13 -28.86 21.08 13.26
CA LEU A 13 -29.84 20.46 12.40
C LEU A 13 -31.22 20.90 12.85
N THR A 14 -32.19 20.77 11.96
CA THR A 14 -33.54 21.19 12.28
C THR A 14 -34.54 20.06 12.08
N LEU A 15 -35.33 19.80 13.11
CA LEU A 15 -36.33 18.76 13.04
C LEU A 15 -37.51 19.30 12.23
N VAL A 16 -37.65 18.84 11.00
CA VAL A 16 -38.75 19.32 10.15
C VAL A 16 -39.81 18.26 9.96
N ASP A 17 -40.77 18.59 9.11
CA ASP A 17 -41.87 17.69 8.86
C ASP A 17 -42.20 17.70 7.37
N ARG A 18 -41.83 16.61 6.69
CA ARG A 18 -42.01 16.46 5.23
C ARG A 18 -43.09 15.44 4.83
N PRO A 19 -43.51 15.50 3.56
CA PRO A 19 -44.51 14.54 3.07
C PRO A 19 -43.78 13.22 2.81
N VAL A 20 -44.46 12.10 3.01
CA VAL A 20 -43.83 10.81 2.78
C VAL A 20 -43.44 10.68 1.32
N PRO A 21 -42.14 10.54 1.02
CA PRO A 21 -41.73 10.42 -0.38
C PRO A 21 -42.27 9.14 -1.02
N GLU A 22 -42.41 9.17 -2.34
CA GLU A 22 -42.88 8.00 -3.10
C GLU A 22 -41.75 7.47 -3.95
N PRO A 23 -41.58 6.14 -3.95
CA PRO A 23 -40.50 5.53 -4.74
C PRO A 23 -40.90 5.45 -6.21
N GLY A 24 -39.91 5.57 -7.08
CA GLY A 24 -40.16 5.48 -8.50
C GLY A 24 -39.38 4.33 -9.11
N PRO A 25 -39.16 4.36 -10.43
CA PRO A 25 -38.41 3.30 -11.13
C PRO A 25 -37.11 2.96 -10.42
N GLY A 26 -36.94 1.70 -10.05
CA GLY A 26 -35.72 1.28 -9.38
C GLY A 26 -35.51 1.83 -7.97
N GLU A 27 -36.58 2.22 -7.31
CA GLU A 27 -36.45 2.76 -5.96
C GLU A 27 -37.37 2.03 -5.01
N ILE A 28 -37.13 2.23 -3.72
CA ILE A 28 -37.98 1.62 -2.72
C ILE A 28 -38.18 2.64 -1.62
N LEU A 29 -39.26 2.47 -0.86
CA LEU A 29 -39.55 3.37 0.23
C LEU A 29 -39.30 2.60 1.50
N VAL A 30 -38.35 3.08 2.29
CA VAL A 30 -38.03 2.41 3.54
C VAL A 30 -38.63 3.14 4.74
N ARG A 31 -39.26 2.39 5.61
CA ARG A 31 -39.81 2.96 6.83
C ARG A 31 -38.72 2.68 7.87
N VAL A 32 -37.85 3.65 8.10
CA VAL A 32 -36.76 3.48 9.06
C VAL A 32 -37.20 2.99 10.44
N GLU A 33 -36.44 2.06 11.01
CA GLU A 33 -36.75 1.53 12.33
C GLU A 33 -35.66 1.94 13.31
N ALA A 34 -34.47 2.21 12.78
CA ALA A 34 -33.35 2.63 13.59
C ALA A 34 -32.31 3.26 12.70
N ALA A 35 -31.61 4.25 13.26
CA ALA A 35 -30.57 4.95 12.54
C ALA A 35 -29.44 5.22 13.52
N SER A 36 -28.24 5.45 13.01
CA SER A 36 -27.13 5.74 13.88
C SER A 36 -26.36 6.93 13.36
N ILE A 37 -25.39 7.37 14.15
CA ILE A 37 -24.61 8.55 13.79
C ILE A 37 -23.12 8.26 13.88
N CYS A 38 -22.34 8.99 13.10
CA CYS A 38 -20.89 8.85 13.12
C CYS A 38 -20.23 10.20 12.90
N GLY A 39 -18.90 10.21 12.91
CA GLY A 39 -18.15 11.43 12.70
C GLY A 39 -18.59 12.25 11.50
N THR A 40 -19.08 11.59 10.44
CA THR A 40 -19.51 12.34 9.27
C THR A 40 -20.70 13.24 9.60
N ASP A 41 -21.69 12.67 10.28
CA ASP A 41 -22.86 13.44 10.67
C ASP A 41 -22.39 14.58 11.58
N LEU A 42 -21.38 14.30 12.39
CA LEU A 42 -20.84 15.32 13.28
C LEU A 42 -20.29 16.48 12.47
N HIS A 43 -19.52 16.18 11.44
CA HIS A 43 -18.96 17.24 10.60
C HIS A 43 -20.06 18.14 10.10
N ILE A 44 -21.16 17.55 9.67
CA ILE A 44 -22.30 18.32 9.16
C ILE A 44 -22.85 19.15 10.32
N TRP A 45 -23.06 18.49 11.46
CA TRP A 45 -23.56 19.13 12.66
C TRP A 45 -22.75 20.41 12.94
N LYS A 46 -21.43 20.24 13.06
CA LYS A 46 -20.52 21.36 13.34
C LYS A 46 -20.45 22.33 12.16
N TRP A 47 -20.87 21.86 10.99
CA TRP A 47 -20.79 22.69 9.79
C TRP A 47 -19.37 23.22 9.63
N ASP A 48 -18.41 22.31 9.50
CA ASP A 48 -17.00 22.65 9.33
C ASP A 48 -16.59 22.69 7.87
N ALA A 49 -15.28 22.70 7.64
CA ALA A 49 -14.72 22.74 6.29
C ALA A 49 -15.38 21.66 5.42
N TRP A 50 -15.13 20.40 5.78
CA TRP A 50 -15.66 19.26 5.06
C TRP A 50 -17.11 19.53 4.66
N ALA A 51 -17.98 19.65 5.67
CA ALA A 51 -19.40 19.89 5.42
C ALA A 51 -19.61 21.06 4.48
N ARG A 52 -19.02 22.20 4.81
CA ARG A 52 -19.18 23.41 3.98
C ARG A 52 -18.88 23.14 2.51
N GLY A 53 -17.79 22.44 2.24
CA GLY A 53 -17.45 22.18 0.85
C GLY A 53 -18.02 20.88 0.32
N ARG A 54 -19.18 20.49 0.82
CA ARG A 54 -19.80 19.24 0.38
C ARG A 54 -21.32 19.16 0.53
N ILE A 55 -21.85 19.72 1.61
CA ILE A 55 -23.29 19.67 1.87
C ILE A 55 -24.09 20.77 1.18
N ARG A 56 -25.16 20.39 0.51
CA ARG A 56 -26.01 21.34 -0.20
C ARG A 56 -27.39 21.40 0.43
N PRO A 57 -27.56 22.20 1.49
CA PRO A 57 -28.86 22.31 2.17
C PRO A 57 -29.91 22.71 1.14
N PRO A 58 -31.18 22.30 1.32
CA PRO A 58 -31.78 21.49 2.40
C PRO A 58 -31.47 20.01 2.17
N LEU A 59 -31.20 19.31 3.27
CA LEU A 59 -30.86 17.90 3.23
C LEU A 59 -31.23 17.16 4.50
N VAL A 60 -31.94 16.04 4.34
CA VAL A 60 -32.29 15.20 5.47
C VAL A 60 -31.06 14.31 5.59
N THR A 61 -30.37 14.38 6.73
CA THR A 61 -29.16 13.59 6.90
C THR A 61 -29.36 12.16 7.42
N GLY A 62 -28.24 11.47 7.63
CA GLY A 62 -28.27 10.10 8.12
C GLY A 62 -27.96 9.05 7.05
N HIS A 63 -26.89 8.30 7.25
CA HIS A 63 -26.51 7.27 6.30
C HIS A 63 -26.39 5.90 6.95
N GLU A 64 -26.53 5.86 8.28
CA GLU A 64 -26.46 4.60 9.00
C GLU A 64 -27.87 4.33 9.47
N PHE A 65 -28.63 3.57 8.70
CA PHE A 65 -29.99 3.28 9.09
C PHE A 65 -30.53 1.95 8.57
N SER A 66 -31.56 1.46 9.23
CA SER A 66 -32.17 0.20 8.85
C SER A 66 -33.68 0.36 8.95
N GLY A 67 -34.41 -0.54 8.32
CA GLY A 67 -35.86 -0.45 8.37
C GLY A 67 -36.59 -1.47 7.53
N VAL A 68 -37.89 -1.25 7.35
CA VAL A 68 -38.70 -2.17 6.58
C VAL A 68 -39.09 -1.55 5.24
N VAL A 69 -39.18 -2.39 4.22
CA VAL A 69 -39.55 -1.92 2.89
C VAL A 69 -41.07 -1.74 2.86
N GLU A 70 -41.51 -0.49 2.80
CA GLU A 70 -42.93 -0.15 2.81
C GLU A 70 -43.62 -0.37 1.47
N ALA A 71 -43.01 0.18 0.42
CA ALA A 71 -43.54 0.04 -0.92
C ALA A 71 -42.34 0.10 -1.85
N VAL A 72 -42.51 -0.34 -3.09
CA VAL A 72 -41.40 -0.32 -4.02
C VAL A 72 -41.79 0.50 -5.25
N GLY A 73 -40.79 0.93 -6.02
CA GLY A 73 -41.07 1.70 -7.21
C GLY A 73 -41.67 0.79 -8.27
N PRO A 74 -42.26 1.34 -9.34
CA PRO A 74 -42.83 0.47 -10.36
C PRO A 74 -41.73 -0.37 -11.00
N GLY A 75 -41.98 -1.66 -11.17
CA GLY A 75 -40.99 -2.53 -11.78
C GLY A 75 -39.89 -3.04 -10.88
N VAL A 76 -39.93 -2.71 -9.60
CA VAL A 76 -38.88 -3.18 -8.68
C VAL A 76 -39.27 -4.56 -8.16
N ARG A 77 -38.41 -5.55 -8.40
CA ARG A 77 -38.69 -6.92 -7.98
C ARG A 77 -37.89 -7.32 -6.76
N ARG A 78 -36.92 -6.49 -6.37
CA ARG A 78 -36.08 -6.76 -5.21
C ARG A 78 -35.51 -5.46 -4.65
N PRO A 79 -35.61 -5.27 -3.32
CA PRO A 79 -36.20 -6.22 -2.39
C PRO A 79 -37.72 -6.23 -2.48
N GLN A 80 -38.37 -6.73 -1.43
CA GLN A 80 -39.82 -6.82 -1.43
C GLN A 80 -40.49 -6.18 -0.21
N VAL A 81 -41.75 -5.78 -0.39
CA VAL A 81 -42.51 -5.18 0.69
C VAL A 81 -42.44 -6.14 1.86
N GLY A 82 -42.05 -5.64 3.03
CA GLY A 82 -41.96 -6.49 4.20
C GLY A 82 -40.54 -6.86 4.59
N ASP A 83 -39.62 -6.78 3.64
CA ASP A 83 -38.23 -7.12 3.95
C ASP A 83 -37.58 -6.13 4.90
N HIS A 84 -36.78 -6.67 5.82
CA HIS A 84 -36.01 -5.85 6.76
C HIS A 84 -34.74 -5.60 6.00
N VAL A 85 -34.33 -4.34 5.83
CA VAL A 85 -33.13 -4.07 5.08
C VAL A 85 -32.19 -3.05 5.72
N SER A 86 -30.90 -3.27 5.56
CA SER A 86 -29.92 -2.31 6.05
C SER A 86 -29.57 -1.59 4.76
N LEU A 87 -28.96 -0.41 4.84
CA LEU A 87 -28.67 0.32 3.63
C LEU A 87 -27.21 0.64 3.36
N GLU A 88 -26.82 0.49 2.09
CA GLU A 88 -25.48 0.84 1.67
C GLU A 88 -25.63 2.30 1.29
N SER A 89 -24.86 3.16 1.96
CA SER A 89 -24.93 4.60 1.72
C SER A 89 -24.42 5.08 0.36
N HIS A 90 -23.44 4.38 -0.21
CA HIS A 90 -22.92 4.79 -1.51
C HIS A 90 -23.80 4.36 -2.67
N ILE A 91 -24.15 5.32 -3.52
CA ILE A 91 -24.94 5.07 -4.72
C ILE A 91 -23.93 5.25 -5.84
N VAL A 92 -23.56 4.15 -6.50
CA VAL A 92 -22.53 4.21 -7.55
C VAL A 92 -23.04 4.50 -8.96
N CYS A 93 -22.26 5.27 -9.72
CA CYS A 93 -22.63 5.66 -11.08
C CYS A 93 -22.72 4.53 -12.11
N HIS A 94 -21.90 3.49 -11.95
CA HIS A 94 -21.93 2.37 -12.87
C HIS A 94 -21.49 2.86 -14.26
N ALA A 95 -20.65 3.89 -14.28
CA ALA A 95 -20.20 4.45 -15.55
C ALA A 95 -18.89 5.22 -15.42
N CYS A 96 -17.99 4.74 -14.55
CA CYS A 96 -16.70 5.39 -14.37
C CYS A 96 -15.66 4.28 -14.29
N PRO A 97 -14.38 4.63 -14.43
CA PRO A 97 -13.33 3.61 -14.37
C PRO A 97 -13.46 2.65 -13.17
N ALA A 98 -13.57 3.20 -11.97
CA ALA A 98 -13.68 2.39 -10.74
C ALA A 98 -14.78 1.33 -10.78
N CYS A 99 -15.93 1.69 -11.35
CA CYS A 99 -17.04 0.74 -11.44
C CYS A 99 -16.79 -0.41 -12.43
N ARG A 100 -16.22 -0.12 -13.60
CA ARG A 100 -15.92 -1.20 -14.55
C ARG A 100 -15.01 -2.17 -13.80
N THR A 101 -13.98 -1.60 -13.17
CA THR A 101 -12.98 -2.35 -12.41
C THR A 101 -13.53 -3.08 -11.20
N GLY A 102 -14.78 -2.81 -10.84
CA GLY A 102 -15.38 -3.47 -9.69
C GLY A 102 -15.05 -2.83 -8.34
N ASN A 103 -14.50 -1.63 -8.36
CA ASN A 103 -14.17 -0.95 -7.12
C ASN A 103 -15.23 0.11 -6.84
N TYR A 104 -16.47 -0.34 -6.70
CA TYR A 104 -17.61 0.55 -6.45
C TYR A 104 -17.46 1.37 -5.18
N HIS A 105 -16.70 0.85 -4.21
CA HIS A 105 -16.49 1.56 -2.96
C HIS A 105 -15.79 2.90 -3.21
N VAL A 106 -15.21 3.06 -4.40
CA VAL A 106 -14.54 4.30 -4.78
C VAL A 106 -15.03 4.88 -6.10
N CYS A 107 -16.29 4.62 -6.43
CA CYS A 107 -16.89 5.16 -7.64
C CYS A 107 -16.56 6.66 -7.67
N LEU A 108 -16.07 7.15 -8.80
CA LEU A 108 -15.71 8.56 -8.90
C LEU A 108 -16.92 9.48 -8.78
N ASN A 109 -18.12 8.95 -8.98
CA ASN A 109 -19.34 9.77 -8.89
C ASN A 109 -20.22 9.24 -7.77
N THR A 110 -19.60 8.83 -6.67
CA THR A 110 -20.38 8.30 -5.55
C THR A 110 -21.34 9.39 -5.04
N GLN A 111 -22.51 8.94 -4.61
CA GLN A 111 -23.54 9.81 -4.06
C GLN A 111 -23.91 9.15 -2.73
N ILE A 112 -23.57 9.82 -1.64
CA ILE A 112 -23.84 9.28 -0.32
C ILE A 112 -25.18 9.69 0.28
N LEU A 113 -25.99 8.71 0.65
CA LEU A 113 -27.29 8.99 1.25
C LEU A 113 -27.05 9.78 2.55
N GLY A 114 -27.81 10.86 2.73
CA GLY A 114 -27.66 11.66 3.93
C GLY A 114 -26.46 12.59 3.87
N VAL A 115 -25.87 12.69 2.70
CA VAL A 115 -24.71 13.54 2.52
C VAL A 115 -24.87 14.29 1.20
N ASP A 116 -25.50 13.63 0.22
CA ASP A 116 -25.71 14.24 -1.08
C ASP A 116 -27.20 14.26 -1.40
N ARG A 117 -27.97 13.42 -0.69
CA ARG A 117 -29.42 13.34 -0.88
C ARG A 117 -30.08 12.88 0.43
N ASP A 118 -31.39 13.03 0.54
CA ASP A 118 -32.06 12.63 1.77
C ASP A 118 -31.61 11.30 2.32
N GLY A 119 -31.38 11.28 3.64
CA GLY A 119 -30.93 10.09 4.34
C GLY A 119 -31.99 9.43 5.19
N GLY A 120 -31.55 8.64 6.16
CA GLY A 120 -32.49 7.93 7.01
C GLY A 120 -32.94 8.58 8.31
N PHE A 121 -32.58 9.83 8.56
CA PHE A 121 -33.04 10.49 9.79
C PHE A 121 -34.45 10.99 9.51
N ALA A 122 -35.36 10.04 9.31
CA ALA A 122 -36.75 10.35 9.01
C ALA A 122 -37.50 9.05 9.17
N GLU A 123 -38.83 9.13 9.29
CA GLU A 123 -39.65 7.93 9.45
C GLU A 123 -39.66 7.16 8.13
N TYR A 124 -39.47 7.88 7.03
CA TYR A 124 -39.47 7.29 5.69
C TYR A 124 -38.40 7.90 4.82
N VAL A 125 -37.82 7.08 3.95
CA VAL A 125 -36.81 7.56 3.03
C VAL A 125 -36.86 6.70 1.77
N VAL A 126 -36.52 7.33 0.64
CA VAL A 126 -36.49 6.63 -0.65
C VAL A 126 -35.06 6.46 -1.09
N VAL A 127 -34.73 5.22 -1.46
CA VAL A 127 -33.38 4.87 -1.89
C VAL A 127 -33.40 3.89 -3.06
N PRO A 128 -32.28 3.81 -3.81
CA PRO A 128 -32.16 2.91 -4.96
C PRO A 128 -32.38 1.50 -4.45
N ALA A 129 -33.12 0.68 -5.20
CA ALA A 129 -33.39 -0.69 -4.78
C ALA A 129 -32.11 -1.52 -4.62
N GLU A 130 -31.12 -1.28 -5.47
CA GLU A 130 -29.87 -2.05 -5.40
C GLU A 130 -29.06 -1.77 -4.12
N ASN A 131 -29.41 -0.70 -3.39
CA ASN A 131 -28.68 -0.36 -2.17
C ASN A 131 -29.22 -1.01 -0.90
N ALA A 132 -30.29 -1.77 -1.04
CA ALA A 132 -30.88 -2.40 0.12
C ALA A 132 -30.33 -3.79 0.33
N TRP A 133 -29.89 -4.07 1.54
CA TRP A 133 -29.38 -5.38 1.89
C TRP A 133 -30.41 -6.04 2.77
N VAL A 134 -31.05 -7.09 2.27
CA VAL A 134 -32.05 -7.80 3.02
C VAL A 134 -31.41 -8.53 4.19
N ASN A 135 -32.05 -8.43 5.36
CA ASN A 135 -31.57 -9.09 6.58
C ASN A 135 -32.66 -10.03 7.07
N PRO A 136 -32.27 -11.05 7.85
CA PRO A 136 -33.29 -11.97 8.36
C PRO A 136 -34.20 -11.10 9.26
N LYS A 137 -35.49 -11.40 9.31
CA LYS A 137 -36.42 -10.63 10.13
C LYS A 137 -36.03 -10.54 11.61
N ASP A 138 -35.33 -11.55 12.13
CA ASP A 138 -34.95 -11.56 13.53
C ASP A 138 -33.72 -10.74 13.93
N LEU A 139 -33.04 -10.14 12.95
CA LEU A 139 -31.90 -9.31 13.27
C LEU A 139 -32.45 -7.98 13.79
N PRO A 140 -32.09 -7.60 15.01
CA PRO A 140 -32.61 -6.31 15.53
C PRO A 140 -32.18 -5.10 14.70
N PHE A 141 -33.16 -4.27 14.36
CA PHE A 141 -32.91 -3.08 13.57
C PHE A 141 -31.78 -2.20 14.12
N GLU A 142 -31.61 -2.22 15.43
CA GLU A 142 -30.55 -1.43 16.05
C GLU A 142 -29.17 -1.93 15.63
N VAL A 143 -29.02 -3.25 15.52
CA VAL A 143 -27.75 -3.82 15.08
C VAL A 143 -27.66 -3.59 13.57
N ALA A 144 -28.78 -3.84 12.90
CA ALA A 144 -28.88 -3.67 11.47
C ALA A 144 -28.53 -2.26 11.05
N ALA A 145 -28.80 -1.30 11.92
CA ALA A 145 -28.51 0.09 11.59
C ALA A 145 -27.02 0.38 11.51
N ILE A 146 -26.21 -0.36 12.24
CA ILE A 146 -24.78 -0.12 12.20
C ILE A 146 -23.99 -1.07 11.29
N LEU A 147 -24.68 -1.83 10.44
CA LEU A 147 -23.98 -2.74 9.53
C LEU A 147 -23.10 -1.94 8.57
N GLU A 148 -23.56 -0.74 8.21
CA GLU A 148 -22.82 0.13 7.30
C GLU A 148 -21.44 0.49 7.86
N PRO A 149 -21.36 0.99 9.11
CA PRO A 149 -20.02 1.30 9.62
C PRO A 149 -19.24 0.03 9.96
N PHE A 150 -19.96 -1.02 10.35
CA PHE A 150 -19.32 -2.30 10.66
C PHE A 150 -18.60 -2.76 9.40
N GLY A 151 -19.22 -2.49 8.25
CA GLY A 151 -18.63 -2.86 6.98
C GLY A 151 -17.30 -2.18 6.73
N ASN A 152 -17.11 -0.99 7.31
CA ASN A 152 -15.85 -0.27 7.15
C ASN A 152 -14.76 -1.04 7.87
N ALA A 153 -15.12 -1.62 9.00
CA ALA A 153 -14.15 -2.38 9.78
C ALA A 153 -13.83 -3.68 9.06
N VAL A 154 -14.89 -4.37 8.62
CA VAL A 154 -14.75 -5.63 7.92
C VAL A 154 -13.83 -5.46 6.72
N HIS A 155 -14.11 -4.44 5.92
CA HIS A 155 -13.32 -4.18 4.74
C HIS A 155 -11.84 -4.00 5.08
N THR A 156 -11.55 -3.23 6.12
CA THR A 156 -10.18 -2.97 6.54
C THR A 156 -9.47 -4.25 7.00
N VAL A 157 -10.16 -5.00 7.84
CA VAL A 157 -9.63 -6.24 8.40
C VAL A 157 -9.32 -7.33 7.36
N TYR A 158 -10.28 -7.59 6.48
CA TYR A 158 -10.15 -8.62 5.47
C TYR A 158 -9.44 -8.21 4.17
N ALA A 159 -9.02 -6.95 4.10
CA ALA A 159 -8.30 -6.47 2.93
C ALA A 159 -6.98 -7.21 2.94
N GLY A 160 -6.25 -7.16 1.83
CA GLY A 160 -4.97 -7.83 1.75
C GLY A 160 -5.01 -9.28 2.21
N SER A 161 -4.09 -9.64 3.09
CA SER A 161 -4.00 -10.99 3.59
C SER A 161 -4.89 -11.38 4.77
N GLY A 162 -5.82 -10.52 5.17
CA GLY A 162 -6.67 -10.87 6.29
C GLY A 162 -5.91 -10.88 7.60
N VAL A 163 -6.45 -11.56 8.61
CA VAL A 163 -5.80 -11.59 9.91
C VAL A 163 -5.77 -12.94 10.59
N SER A 164 -6.34 -13.95 9.95
CA SER A 164 -6.37 -15.29 10.55
C SER A 164 -4.96 -15.83 10.80
N GLY A 165 -4.70 -16.19 12.05
CA GLY A 165 -3.40 -16.73 12.43
C GLY A 165 -2.30 -15.69 12.37
N LYS A 166 -2.67 -14.41 12.45
CA LYS A 166 -1.69 -13.33 12.38
C LYS A 166 -1.73 -12.41 13.62
N SER A 167 -0.60 -11.76 13.90
CA SER A 167 -0.51 -10.83 15.02
C SER A 167 -1.04 -9.48 14.52
N VAL A 168 -1.96 -8.88 15.27
CA VAL A 168 -2.54 -7.62 14.85
C VAL A 168 -2.44 -6.45 15.83
N LEU A 169 -2.13 -5.27 15.30
CA LEU A 169 -2.08 -4.06 16.09
C LEU A 169 -3.14 -3.12 15.50
N ILE A 170 -4.14 -2.79 16.30
CA ILE A 170 -5.18 -1.87 15.87
C ILE A 170 -4.94 -0.55 16.60
N THR A 171 -4.69 0.52 15.85
CA THR A 171 -4.49 1.81 16.48
C THR A 171 -5.76 2.59 16.30
N GLY A 172 -6.45 2.85 17.42
CA GLY A 172 -7.69 3.59 17.39
C GLY A 172 -8.83 2.72 17.84
N ALA A 173 -9.38 2.97 19.02
CA ALA A 173 -10.49 2.17 19.53
C ALA A 173 -11.81 2.93 19.45
N GLY A 174 -11.93 3.80 18.46
CA GLY A 174 -13.18 4.52 18.27
C GLY A 174 -14.26 3.49 17.93
N PRO A 175 -15.46 3.91 17.54
CA PRO A 175 -16.49 2.92 17.22
C PRO A 175 -16.03 1.89 16.18
N ILE A 176 -15.44 2.37 15.09
CA ILE A 176 -14.99 1.49 14.02
C ILE A 176 -13.83 0.59 14.43
N GLY A 177 -12.77 1.18 14.97
CA GLY A 177 -11.65 0.37 15.39
C GLY A 177 -12.12 -0.68 16.38
N LEU A 178 -13.19 -0.34 17.09
CA LEU A 178 -13.76 -1.22 18.11
C LEU A 178 -14.41 -2.42 17.44
N MET A 179 -15.15 -2.16 16.36
CA MET A 179 -15.79 -3.25 15.64
C MET A 179 -14.68 -4.12 15.04
N ALA A 180 -13.61 -3.46 14.58
CA ALA A 180 -12.47 -4.16 14.00
C ALA A 180 -11.91 -5.17 15.00
N ALA A 181 -11.67 -4.71 16.23
CA ALA A 181 -11.16 -5.61 17.25
C ALA A 181 -12.13 -6.76 17.45
N MET A 182 -13.43 -6.51 17.31
CA MET A 182 -14.38 -7.59 17.48
C MET A 182 -14.20 -8.56 16.32
N VAL A 183 -14.06 -8.02 15.13
CA VAL A 183 -13.87 -8.84 13.94
C VAL A 183 -12.57 -9.66 13.98
N VAL A 184 -11.43 -9.00 14.22
CA VAL A 184 -10.16 -9.71 14.23
C VAL A 184 -10.14 -10.81 15.27
N ARG A 185 -10.76 -10.55 16.41
CA ARG A 185 -10.81 -11.54 17.47
C ARG A 185 -11.60 -12.75 16.99
N ALA A 186 -12.70 -12.50 16.30
CA ALA A 186 -13.53 -13.58 15.79
C ALA A 186 -12.92 -14.23 14.54
N SER A 187 -11.94 -13.56 13.93
CA SER A 187 -11.29 -14.09 12.73
C SER A 187 -10.05 -14.91 13.05
N GLY A 188 -9.76 -15.06 14.34
CA GLY A 188 -8.61 -15.84 14.75
C GLY A 188 -7.27 -15.13 14.77
N ALA A 189 -7.27 -13.81 14.87
CA ALA A 189 -6.01 -13.09 14.94
C ALA A 189 -5.39 -13.31 16.33
N GLY A 190 -4.08 -13.17 16.43
CA GLY A 190 -3.45 -13.38 17.71
C GLY A 190 -1.93 -13.39 17.64
N PRO A 191 -1.24 -12.68 18.54
CA PRO A 191 -1.84 -11.86 19.61
C PRO A 191 -2.56 -10.67 18.99
N ILE A 192 -3.52 -10.11 19.73
CA ILE A 192 -4.24 -8.93 19.25
C ILE A 192 -4.02 -7.74 20.19
N LEU A 193 -3.44 -6.67 19.68
CA LEU A 193 -3.20 -5.48 20.48
C LEU A 193 -4.08 -4.33 20.00
N VAL A 194 -4.65 -3.60 20.96
CA VAL A 194 -5.49 -2.45 20.66
C VAL A 194 -4.94 -1.25 21.42
N SER A 195 -4.63 -0.18 20.69
CA SER A 195 -4.08 1.01 21.30
C SER A 195 -4.95 2.24 21.12
N ASP A 196 -5.21 2.92 22.23
CA ASP A 196 -6.01 4.14 22.24
C ASP A 196 -5.86 4.82 23.59
N PRO A 197 -5.44 6.09 23.61
CA PRO A 197 -5.23 6.88 24.84
C PRO A 197 -6.52 7.12 25.64
N ASN A 198 -7.66 7.06 24.97
CA ASN A 198 -8.95 7.25 25.63
C ASN A 198 -9.33 5.92 26.28
N PRO A 199 -9.26 5.84 27.62
CA PRO A 199 -9.58 4.64 28.40
C PRO A 199 -11.04 4.23 28.36
N TYR A 200 -11.92 5.18 28.04
CA TYR A 200 -13.33 4.84 28.00
C TYR A 200 -13.57 3.80 26.91
N ARG A 201 -13.15 4.13 25.69
CA ARG A 201 -13.34 3.23 24.58
C ARG A 201 -12.34 2.08 24.62
N LEU A 202 -11.11 2.36 25.05
CA LEU A 202 -10.10 1.33 25.12
C LEU A 202 -10.56 0.15 25.96
N ALA A 203 -11.38 0.43 26.98
CA ALA A 203 -11.88 -0.63 27.85
C ALA A 203 -12.93 -1.45 27.11
N PHE A 204 -13.54 -0.86 26.09
CA PHE A 204 -14.56 -1.58 25.34
C PHE A 204 -13.98 -2.76 24.58
N ALA A 205 -12.68 -2.71 24.31
CA ALA A 205 -12.02 -3.76 23.56
C ALA A 205 -11.43 -4.86 24.44
N ARG A 206 -11.40 -4.63 25.76
CA ARG A 206 -10.83 -5.60 26.68
C ARG A 206 -11.25 -7.04 26.39
N PRO A 207 -12.55 -7.27 26.14
CA PRO A 207 -12.97 -8.64 25.86
C PRO A 207 -12.59 -9.17 24.46
N TYR A 208 -11.90 -8.36 23.67
CA TYR A 208 -11.51 -8.77 22.32
C TYR A 208 -10.00 -8.73 22.08
N ALA A 209 -9.33 -7.77 22.69
CA ALA A 209 -7.88 -7.65 22.54
C ALA A 209 -7.15 -8.61 23.48
N ASP A 210 -5.90 -8.88 23.18
CA ASP A 210 -5.09 -9.75 24.02
C ASP A 210 -4.27 -8.78 24.86
N ARG A 211 -4.09 -7.58 24.36
CA ARG A 211 -3.34 -6.55 25.04
C ARG A 211 -3.90 -5.17 24.74
N LEU A 212 -4.33 -4.46 25.78
CA LEU A 212 -4.84 -3.11 25.62
C LEU A 212 -3.66 -2.23 25.94
N VAL A 213 -3.53 -1.13 25.22
CA VAL A 213 -2.42 -0.22 25.43
C VAL A 213 -2.79 1.24 25.30
N ASN A 214 -2.33 2.03 26.27
CA ASN A 214 -2.54 3.47 26.23
C ASN A 214 -1.20 4.01 25.79
N PRO A 215 -1.08 4.44 24.53
CA PRO A 215 0.19 4.97 24.05
C PRO A 215 0.75 6.13 24.87
N LEU A 216 -0.12 6.80 25.64
CA LEU A 216 0.31 7.91 26.48
C LEU A 216 0.93 7.37 27.78
N GLU A 217 0.28 6.37 28.37
CA GLU A 217 0.77 5.77 29.61
C GLU A 217 1.87 4.72 29.38
N GLU A 218 1.80 4.03 28.24
CA GLU A 218 2.81 3.02 27.91
C GLU A 218 3.42 3.22 26.54
N ASP A 219 4.64 2.70 26.38
CA ASP A 219 5.35 2.79 25.11
C ASP A 219 4.88 1.61 24.24
N LEU A 220 4.01 1.91 23.27
CA LEU A 220 3.44 0.92 22.37
C LEU A 220 4.47 -0.02 21.75
N LEU A 221 5.51 0.57 21.15
CA LEU A 221 6.56 -0.22 20.52
C LEU A 221 7.09 -1.30 21.45
N GLU A 222 7.37 -0.93 22.70
CA GLU A 222 7.89 -1.91 23.65
C GLU A 222 6.89 -3.02 23.96
N VAL A 223 5.62 -2.66 24.15
CA VAL A 223 4.58 -3.64 24.46
C VAL A 223 4.44 -4.65 23.34
N VAL A 224 4.34 -4.14 22.10
CA VAL A 224 4.22 -5.00 20.92
C VAL A 224 5.41 -5.96 20.95
N ARG A 225 6.61 -5.40 21.06
CA ARG A 225 7.82 -6.21 21.11
C ARG A 225 7.80 -7.26 22.21
N ARG A 226 7.11 -6.98 23.31
CA ARG A 226 7.07 -7.96 24.39
C ARG A 226 5.99 -9.01 24.12
N VAL A 227 4.94 -8.61 23.43
CA VAL A 227 3.84 -9.52 23.13
C VAL A 227 4.11 -10.43 21.94
N THR A 228 4.72 -9.91 20.89
CA THR A 228 4.98 -10.70 19.68
C THR A 228 6.39 -11.25 19.61
N GLY A 229 7.35 -10.47 20.12
CA GLY A 229 8.73 -10.87 20.07
C GLY A 229 9.48 -9.90 19.17
N SER A 230 8.73 -9.19 18.34
CA SER A 230 9.31 -8.19 17.43
C SER A 230 8.24 -7.20 17.03
N GLY A 231 7.54 -7.47 15.93
CA GLY A 231 6.49 -6.57 15.50
C GLY A 231 5.22 -7.33 15.22
N VAL A 232 4.21 -6.66 14.71
CA VAL A 232 2.97 -7.33 14.36
C VAL A 232 3.00 -7.57 12.86
N GLU A 233 2.16 -8.47 12.38
CA GLU A 233 2.13 -8.77 10.96
C GLU A 233 1.19 -7.81 10.26
N VAL A 234 0.13 -7.43 10.95
CA VAL A 234 -0.87 -6.53 10.38
C VAL A 234 -1.13 -5.31 11.24
N LEU A 235 -1.31 -4.17 10.59
CA LEU A 235 -1.60 -2.93 11.26
C LEU A 235 -2.93 -2.42 10.74
N LEU A 236 -3.91 -2.28 11.64
CA LEU A 236 -5.22 -1.76 11.27
C LEU A 236 -5.33 -0.36 11.87
N GLU A 237 -5.21 0.64 11.02
CA GLU A 237 -5.24 2.03 11.45
C GLU A 237 -6.61 2.69 11.40
N PHE A 238 -7.15 3.03 12.58
CA PHE A 238 -8.46 3.68 12.66
C PHE A 238 -8.47 5.02 13.43
N SER A 239 -7.30 5.63 13.63
CA SER A 239 -7.25 6.86 14.40
C SER A 239 -7.04 8.13 13.59
N GLY A 240 -6.37 8.02 12.45
CA GLY A 240 -6.12 9.20 11.65
C GLY A 240 -5.13 10.13 12.31
N ASN A 241 -4.57 9.70 13.44
CA ASN A 241 -3.61 10.47 14.19
C ASN A 241 -2.18 10.22 13.69
N GLU A 242 -1.54 11.25 13.15
CA GLU A 242 -0.20 11.11 12.62
C GLU A 242 0.75 10.36 13.52
N ALA A 243 0.77 10.69 14.80
CA ALA A 243 1.67 10.03 15.73
C ALA A 243 1.41 8.53 15.77
N ALA A 244 0.13 8.16 15.78
CA ALA A 244 -0.24 6.75 15.80
C ALA A 244 0.17 6.05 14.51
N ILE A 245 -0.03 6.74 13.38
CA ILE A 245 0.35 6.19 12.10
C ILE A 245 1.84 5.81 12.05
N HIS A 246 2.70 6.77 12.38
CA HIS A 246 4.14 6.51 12.37
C HIS A 246 4.50 5.41 13.34
N GLN A 247 3.80 5.38 14.47
CA GLN A 247 4.05 4.39 15.51
C GLN A 247 3.62 3.02 14.99
N GLY A 248 2.42 2.95 14.45
CA GLY A 248 1.90 1.70 13.91
C GLY A 248 2.82 1.09 12.88
N LEU A 249 3.31 1.91 11.94
CA LEU A 249 4.20 1.40 10.92
C LEU A 249 5.46 0.81 11.51
N MET A 250 6.00 1.44 12.55
CA MET A 250 7.21 0.92 13.17
C MET A 250 6.95 -0.41 13.86
N ALA A 251 5.73 -0.59 14.37
CA ALA A 251 5.36 -1.81 15.07
C ALA A 251 5.21 -2.98 14.12
N LEU A 252 5.07 -2.66 12.85
CA LEU A 252 4.90 -3.65 11.79
C LEU A 252 6.22 -4.35 11.48
N ILE A 253 6.23 -5.67 11.32
CA ILE A 253 7.48 -6.33 10.97
C ILE A 253 7.70 -6.07 9.49
N PRO A 254 8.95 -6.09 9.03
CA PRO A 254 9.18 -5.84 7.60
C PRO A 254 8.33 -6.79 6.76
N GLY A 255 7.79 -6.28 5.65
CA GLY A 255 6.94 -7.09 4.79
C GLY A 255 5.51 -7.24 5.25
N GLY A 256 5.16 -6.61 6.38
CA GLY A 256 3.80 -6.71 6.88
C GLY A 256 2.85 -5.78 6.14
N GLU A 257 1.59 -5.80 6.51
CA GLU A 257 0.60 -4.96 5.85
C GLU A 257 -0.04 -3.93 6.79
N ALA A 258 -0.26 -2.73 6.25
CA ALA A 258 -0.90 -1.67 7.01
C ALA A 258 -2.20 -1.35 6.28
N ARG A 259 -3.32 -1.56 6.95
CA ARG A 259 -4.63 -1.33 6.37
C ARG A 259 -5.15 -0.04 7.00
N ILE A 260 -5.23 1.01 6.20
CA ILE A 260 -5.64 2.32 6.69
C ILE A 260 -7.03 2.83 6.32
N LEU A 261 -7.88 2.96 7.33
CA LEU A 261 -9.23 3.48 7.15
C LEU A 261 -9.25 4.92 7.69
N GLY A 262 -8.52 5.14 8.79
CA GLY A 262 -8.46 6.43 9.42
C GLY A 262 -8.15 7.60 8.52
N ILE A 263 -8.91 8.67 8.65
CA ILE A 263 -8.72 9.85 7.83
C ILE A 263 -8.04 11.00 8.59
N PRO A 264 -6.71 11.17 8.42
CA PRO A 264 -6.02 12.25 9.13
C PRO A 264 -6.63 13.60 8.74
N SER A 265 -6.57 14.58 9.64
CA SER A 265 -7.13 15.90 9.36
C SER A 265 -6.19 16.74 8.51
N ASP A 266 -4.90 16.49 8.60
CA ASP A 266 -3.92 17.23 7.80
C ASP A 266 -2.89 16.31 7.17
N PRO A 267 -2.20 16.81 6.13
CA PRO A 267 -1.18 16.00 5.46
C PRO A 267 -0.17 15.64 6.54
N ILE A 268 0.41 14.45 6.45
CA ILE A 268 1.39 14.00 7.42
C ILE A 268 2.80 14.12 6.85
N ARG A 269 3.80 14.02 7.71
CA ARG A 269 5.18 14.06 7.25
C ARG A 269 5.44 12.59 7.03
N PHE A 270 5.78 12.18 5.82
CA PHE A 270 5.99 10.76 5.58
C PHE A 270 7.32 10.41 4.94
N ASP A 271 8.05 9.52 5.60
CA ASP A 271 9.35 9.08 5.09
C ASP A 271 9.12 7.79 4.30
N LEU A 272 8.70 7.95 3.05
CA LEU A 272 8.40 6.84 2.14
C LEU A 272 9.39 5.71 2.27
N ALA A 273 10.66 6.04 2.04
CA ALA A 273 11.74 5.06 2.10
C ALA A 273 11.82 4.35 3.42
N GLY A 274 11.86 5.11 4.51
CA GLY A 274 11.97 4.51 5.82
C GLY A 274 10.77 3.77 6.37
N GLU A 275 9.58 4.32 6.19
CA GLU A 275 8.39 3.69 6.73
C GLU A 275 7.66 2.70 5.81
N LEU A 276 7.91 2.76 4.50
CA LEU A 276 7.23 1.88 3.57
C LEU A 276 8.15 1.03 2.68
N VAL A 277 8.82 1.68 1.74
CA VAL A 277 9.68 1.02 0.78
C VAL A 277 10.76 0.06 1.26
N MET A 278 11.70 0.56 2.04
CA MET A 278 12.81 -0.24 2.52
C MET A 278 12.41 -1.38 3.44
N ARG A 279 11.25 -1.26 4.06
CA ARG A 279 10.75 -2.29 4.95
C ARG A 279 9.76 -3.23 4.26
N GLY A 280 9.52 -2.99 2.97
CA GLY A 280 8.61 -3.83 2.20
C GLY A 280 7.19 -3.87 2.71
N ILE A 281 6.72 -2.72 3.17
CA ILE A 281 5.38 -2.61 3.71
C ILE A 281 4.39 -2.30 2.62
N THR A 282 3.18 -2.80 2.76
CA THR A 282 2.15 -2.52 1.79
C THR A 282 1.08 -1.78 2.56
N ALA A 283 0.76 -0.58 2.09
CA ALA A 283 -0.25 0.23 2.73
C ALA A 283 -1.54 0.15 1.94
N PHE A 284 -2.58 -0.37 2.56
CA PHE A 284 -3.86 -0.47 1.88
C PHE A 284 -4.78 0.68 2.31
N GLY A 285 -5.11 1.56 1.38
CA GLY A 285 -6.02 2.64 1.69
C GLY A 285 -7.42 2.05 1.57
N ILE A 286 -8.12 1.95 2.69
CA ILE A 286 -9.46 1.39 2.71
C ILE A 286 -10.54 2.46 2.68
N ALA A 287 -11.48 2.30 1.78
CA ALA A 287 -12.56 3.26 1.64
C ALA A 287 -13.86 2.55 1.41
N GLY A 288 -14.90 3.00 2.09
CA GLY A 288 -16.21 2.41 1.95
C GLY A 288 -16.24 0.93 2.25
N ARG A 289 -17.12 0.25 1.55
CA ARG A 289 -17.29 -1.20 1.69
C ARG A 289 -17.20 -1.80 0.29
N ARG A 290 -16.39 -2.85 0.12
CA ARG A 290 -16.28 -3.49 -1.19
C ARG A 290 -17.72 -3.85 -1.49
N LEU A 291 -18.27 -3.28 -2.56
CA LEU A 291 -19.67 -3.54 -2.83
C LEU A 291 -20.09 -4.96 -3.04
N TRP A 292 -20.61 -5.46 -1.93
CA TRP A 292 -21.17 -6.78 -1.74
C TRP A 292 -20.23 -7.77 -1.07
N GLN A 293 -18.96 -7.80 -1.45
CA GLN A 293 -18.08 -8.73 -0.77
C GLN A 293 -18.01 -8.37 0.73
N THR A 294 -17.87 -7.10 1.03
CA THR A 294 -17.80 -6.64 2.42
C THR A 294 -19.09 -6.96 3.16
N TRP A 295 -20.23 -6.70 2.52
CA TRP A 295 -21.51 -6.99 3.14
C TRP A 295 -21.70 -8.49 3.41
N MET A 296 -21.18 -9.33 2.54
CA MET A 296 -21.33 -10.76 2.73
C MET A 296 -20.55 -11.20 3.94
N GLN A 297 -19.28 -10.85 3.98
CA GLN A 297 -18.40 -11.19 5.08
C GLN A 297 -18.99 -10.65 6.38
N GLY A 298 -19.26 -9.35 6.37
CA GLY A 298 -19.82 -8.71 7.55
C GLY A 298 -21.09 -9.31 8.08
N THR A 299 -22.13 -9.40 7.24
CA THR A 299 -23.40 -9.95 7.70
C THR A 299 -23.29 -11.42 8.03
N ALA A 300 -22.31 -12.10 7.45
CA ALA A 300 -22.15 -13.51 7.75
C ALA A 300 -21.67 -13.61 9.20
N LEU A 301 -20.71 -12.78 9.56
CA LEU A 301 -20.19 -12.78 10.92
C LEU A 301 -21.33 -12.48 11.89
N VAL A 302 -22.17 -11.53 11.50
CA VAL A 302 -23.28 -11.11 12.31
C VAL A 302 -24.44 -12.09 12.35
N TYR A 303 -24.88 -12.60 11.21
CA TYR A 303 -26.00 -13.55 11.23
C TYR A 303 -25.66 -14.82 11.98
N SER A 304 -24.46 -15.37 11.74
CA SER A 304 -24.07 -16.62 12.38
C SER A 304 -23.72 -16.44 13.85
N GLY A 305 -23.52 -15.20 14.26
CA GLY A 305 -23.19 -14.94 15.64
C GLY A 305 -21.71 -14.94 15.96
N ARG A 306 -20.85 -15.04 14.95
CA ARG A 306 -19.40 -15.03 15.22
C ARG A 306 -19.04 -13.75 15.98
N VAL A 307 -19.78 -12.68 15.70
CA VAL A 307 -19.59 -11.42 16.39
C VAL A 307 -20.96 -11.02 16.91
N ASP A 308 -20.97 -10.21 17.97
CA ASP A 308 -22.20 -9.71 18.56
C ASP A 308 -22.03 -8.20 18.67
N LEU A 309 -22.69 -7.46 17.79
CA LEU A 309 -22.54 -6.01 17.83
C LEU A 309 -23.34 -5.29 18.93
N SER A 310 -24.17 -6.04 19.65
CA SER A 310 -24.99 -5.45 20.72
C SER A 310 -24.27 -4.53 21.71
N PRO A 311 -23.12 -4.97 22.23
CA PRO A 311 -22.39 -4.13 23.19
C PRO A 311 -21.87 -2.80 22.68
N LEU A 312 -21.94 -2.55 21.39
CA LEU A 312 -21.46 -1.28 20.86
C LEU A 312 -22.58 -0.24 20.83
N LEU A 313 -23.81 -0.72 21.01
CA LEU A 313 -24.95 0.18 21.03
C LEU A 313 -25.14 0.64 22.47
N THR A 314 -24.58 1.82 22.77
CA THR A 314 -24.63 2.35 24.12
C THR A 314 -25.87 3.17 24.43
N HIS A 315 -26.38 3.91 23.44
CA HIS A 315 -27.56 4.73 23.66
C HIS A 315 -28.57 4.65 22.53
N ARG A 316 -29.84 4.76 22.88
CA ARG A 316 -30.92 4.77 21.92
C ARG A 316 -31.84 5.89 22.35
N LEU A 317 -31.90 6.93 21.53
CA LEU A 317 -32.70 8.12 21.82
C LEU A 317 -33.73 8.38 20.75
N PRO A 318 -34.86 8.99 21.12
CA PRO A 318 -35.79 9.23 20.03
C PRO A 318 -35.15 10.28 19.11
N LEU A 319 -35.45 10.19 17.83
CA LEU A 319 -34.92 11.11 16.84
C LEU A 319 -35.15 12.55 17.28
N SER A 320 -36.31 12.80 17.87
CA SER A 320 -36.66 14.13 18.33
C SER A 320 -35.69 14.68 19.38
N ARG A 321 -34.93 13.79 20.03
CA ARG A 321 -33.95 14.23 21.03
C ARG A 321 -32.55 14.19 20.41
N TYR A 322 -32.47 14.43 19.11
CA TYR A 322 -31.20 14.40 18.40
C TYR A 322 -30.12 15.26 19.08
N ARG A 323 -30.54 16.42 19.58
CA ARG A 323 -29.62 17.34 20.24
C ARG A 323 -28.70 16.61 21.21
N GLU A 324 -29.28 15.75 22.04
CA GLU A 324 -28.45 15.04 22.99
C GLU A 324 -27.58 14.01 22.28
N ALA A 325 -28.15 13.33 21.30
CA ALA A 325 -27.41 12.32 20.55
C ALA A 325 -26.12 12.89 19.98
N PHE A 326 -26.20 14.07 19.37
CA PHE A 326 -25.02 14.68 18.81
C PHE A 326 -24.04 15.17 19.88
N GLY A 327 -24.56 15.45 21.06
CA GLY A 327 -23.71 15.92 22.13
C GLY A 327 -22.88 14.75 22.62
N LEU A 328 -23.46 13.56 22.59
CA LEU A 328 -22.74 12.38 23.02
C LEU A 328 -21.62 12.10 22.02
N LEU A 329 -21.92 12.36 20.75
CA LEU A 329 -20.94 12.16 19.69
C LEU A 329 -19.71 12.99 20.02
N ALA A 330 -19.88 14.32 20.04
CA ALA A 330 -18.78 15.22 20.36
C ALA A 330 -18.14 14.81 21.70
N SER A 331 -18.96 14.42 22.67
CA SER A 331 -18.45 14.02 23.99
C SER A 331 -17.45 12.88 23.87
N GLY A 332 -17.87 11.81 23.18
CA GLY A 332 -17.03 10.63 23.04
C GLY A 332 -17.39 9.69 24.16
N GLN A 333 -18.40 10.08 24.92
CA GLN A 333 -18.86 9.30 26.07
C GLN A 333 -19.67 8.06 25.65
N ALA A 334 -19.98 7.95 24.36
CA ALA A 334 -20.74 6.81 23.87
C ALA A 334 -19.98 6.11 22.74
N VAL A 335 -20.44 4.93 22.35
CA VAL A 335 -19.82 4.20 21.26
C VAL A 335 -20.72 4.50 20.08
N LYS A 336 -21.79 3.72 19.92
CA LYS A 336 -22.72 3.97 18.84
C LYS A 336 -24.06 4.41 19.41
N VAL A 337 -24.63 5.46 18.83
CA VAL A 337 -25.91 5.99 19.27
C VAL A 337 -27.00 5.74 18.24
N ILE A 338 -28.06 5.06 18.68
CA ILE A 338 -29.18 4.75 17.82
C ILE A 338 -30.27 5.82 17.93
N LEU A 339 -30.80 6.23 16.79
CA LEU A 339 -31.87 7.22 16.75
C LEU A 339 -33.17 6.57 16.29
N ASP A 340 -34.22 6.72 17.08
CA ASP A 340 -35.52 6.16 16.78
C ASP A 340 -36.36 7.24 16.12
N PRO A 341 -36.50 7.17 14.78
CA PRO A 341 -37.26 8.15 14.02
C PRO A 341 -38.76 8.16 14.30
N LYS A 342 -39.22 7.18 15.05
CA LYS A 342 -40.65 7.11 15.36
C LYS A 342 -41.06 7.96 16.55
N ALA A 343 -40.11 8.70 17.14
CA ALA A 343 -40.39 9.53 18.31
C ALA A 343 -39.50 10.78 18.39
N MET B 1 45.37 -9.44 -6.83
CA MET B 1 44.23 -9.21 -7.74
C MET B 1 43.83 -7.74 -7.68
N ARG B 2 43.26 -7.26 -8.77
CA ARG B 2 42.81 -5.89 -8.84
C ARG B 2 41.48 -5.75 -8.08
N ALA B 3 41.27 -4.61 -7.42
CA ALA B 3 40.05 -4.36 -6.68
C ALA B 3 39.86 -2.85 -6.54
N LEU B 4 38.62 -2.43 -6.37
CA LEU B 4 38.30 -1.02 -6.21
C LEU B 4 37.68 -0.89 -4.84
N ALA B 5 38.28 -0.08 -3.97
CA ALA B 5 37.76 0.05 -2.61
C ALA B 5 37.78 1.46 -2.03
N LYS B 6 36.97 1.63 -0.99
CA LYS B 6 36.85 2.86 -0.23
C LYS B 6 37.76 2.56 0.94
N LEU B 7 38.88 3.29 1.02
CA LEU B 7 39.86 3.06 2.07
C LEU B 7 39.80 4.02 3.24
N ALA B 8 38.94 5.03 3.14
CA ALA B 8 38.82 6.00 4.22
C ALA B 8 37.53 6.78 4.03
N PRO B 9 36.95 7.31 5.12
CA PRO B 9 35.70 8.09 5.13
C PRO B 9 35.80 9.39 4.34
N GLU B 10 35.73 9.29 3.02
CA GLU B 10 35.84 10.47 2.17
C GLU B 10 35.44 10.11 0.74
N GLU B 11 35.60 11.08 -0.16
CA GLU B 11 35.25 10.89 -1.57
C GLU B 11 36.17 9.90 -2.28
N GLY B 12 35.72 9.46 -3.45
CA GLY B 12 36.52 8.58 -4.27
C GLY B 12 36.75 7.14 -3.85
N LEU B 13 37.39 6.40 -4.72
CA LEU B 13 37.71 5.01 -4.47
C LEU B 13 39.15 4.82 -4.88
N THR B 14 39.76 3.71 -4.46
CA THR B 14 41.15 3.48 -4.76
C THR B 14 41.38 2.11 -5.38
N LEU B 15 42.11 2.05 -6.49
CA LEU B 15 42.42 0.75 -7.07
C LEU B 15 43.47 0.20 -6.14
N VAL B 16 43.22 -0.97 -5.58
CA VAL B 16 44.20 -1.56 -4.68
C VAL B 16 44.48 -2.98 -5.11
N ASP B 17 45.50 -3.57 -4.50
CA ASP B 17 45.86 -4.93 -4.78
C ASP B 17 45.63 -5.72 -3.52
N ARG B 18 44.60 -6.54 -3.53
CA ARG B 18 44.24 -7.37 -2.38
C ARG B 18 44.57 -8.81 -2.72
N PRO B 19 44.78 -9.63 -1.69
CA PRO B 19 45.08 -11.03 -2.02
C PRO B 19 43.74 -11.68 -2.40
N VAL B 20 43.80 -12.88 -2.97
CA VAL B 20 42.57 -13.55 -3.36
C VAL B 20 41.84 -14.15 -2.19
N PRO B 21 40.59 -13.73 -1.96
CA PRO B 21 39.80 -14.25 -0.84
C PRO B 21 39.66 -15.77 -0.89
N GLU B 22 39.44 -16.37 0.27
CA GLU B 22 39.32 -17.81 0.41
C GLU B 22 37.92 -18.21 0.83
N PRO B 23 37.32 -19.18 0.11
CA PRO B 23 35.98 -19.62 0.46
C PRO B 23 35.97 -20.74 1.50
N GLY B 24 35.19 -20.54 2.55
CA GLY B 24 35.10 -21.54 3.58
C GLY B 24 33.73 -22.19 3.52
N PRO B 25 33.38 -22.99 4.54
CA PRO B 25 32.08 -23.67 4.60
C PRO B 25 30.92 -22.81 4.12
N GLY B 26 30.14 -23.38 3.21
CA GLY B 26 28.97 -22.68 2.69
C GLY B 26 29.27 -21.51 1.79
N GLU B 27 30.53 -21.38 1.37
CA GLU B 27 30.91 -20.28 0.49
C GLU B 27 31.49 -20.74 -0.83
N ILE B 28 31.61 -19.79 -1.77
CA ILE B 28 32.19 -20.08 -3.07
C ILE B 28 33.08 -18.91 -3.47
N LEU B 29 34.02 -19.19 -4.37
CA LEU B 29 34.91 -18.17 -4.88
C LEU B 29 34.44 -17.85 -6.27
N VAL B 30 34.14 -16.59 -6.54
CA VAL B 30 33.67 -16.20 -7.86
C VAL B 30 34.71 -15.37 -8.61
N ARG B 31 35.01 -15.77 -9.83
CA ARG B 31 35.95 -15.00 -10.64
C ARG B 31 35.05 -14.05 -11.43
N VAL B 32 35.09 -12.78 -11.06
CA VAL B 32 34.24 -11.79 -11.70
C VAL B 32 34.59 -11.55 -13.15
N GLU B 33 33.57 -11.70 -14.00
CA GLU B 33 33.72 -11.50 -15.43
C GLU B 33 33.19 -10.14 -15.82
N ALA B 34 32.22 -9.65 -15.07
CA ALA B 34 31.64 -8.33 -15.35
C ALA B 34 30.89 -7.80 -14.15
N ALA B 35 30.88 -6.50 -14.00
CA ALA B 35 30.18 -5.88 -12.90
C ALA B 35 29.61 -4.57 -13.38
N SER B 36 28.50 -4.13 -12.78
CA SER B 36 27.93 -2.87 -13.20
C SER B 36 27.87 -1.91 -12.02
N ILE B 37 27.55 -0.66 -12.33
CA ILE B 37 27.48 0.41 -11.34
C ILE B 37 26.06 0.92 -11.19
N CYS B 38 25.70 1.33 -9.97
CA CYS B 38 24.37 1.85 -9.75
C CYS B 38 24.40 3.04 -8.80
N GLY B 39 23.26 3.69 -8.65
CA GLY B 39 23.16 4.85 -7.78
C GLY B 39 23.83 4.65 -6.42
N THR B 40 23.64 3.48 -5.83
CA THR B 40 24.25 3.16 -4.54
C THR B 40 25.74 3.35 -4.60
N ASP B 41 26.36 2.78 -5.63
CA ASP B 41 27.79 2.89 -5.81
C ASP B 41 28.20 4.35 -5.92
N LEU B 42 27.33 5.17 -6.50
CA LEU B 42 27.62 6.59 -6.64
C LEU B 42 27.57 7.23 -5.26
N HIS B 43 26.61 6.82 -4.44
CA HIS B 43 26.51 7.34 -3.08
C HIS B 43 27.83 7.09 -2.39
N ILE B 44 28.23 5.83 -2.37
CA ILE B 44 29.48 5.44 -1.75
C ILE B 44 30.63 6.25 -2.33
N TRP B 45 30.61 6.41 -3.65
CA TRP B 45 31.66 7.17 -4.31
C TRP B 45 31.73 8.64 -3.85
N LYS B 46 30.58 9.31 -3.79
CA LYS B 46 30.52 10.70 -3.36
C LYS B 46 30.68 10.86 -1.86
N TRP B 47 30.46 9.78 -1.11
CA TRP B 47 30.54 9.79 0.34
C TRP B 47 29.50 10.76 0.95
N ASP B 48 28.26 10.65 0.48
CA ASP B 48 27.20 11.51 0.98
C ASP B 48 26.60 10.97 2.27
N ALA B 49 25.55 11.66 2.74
CA ALA B 49 24.87 11.27 3.97
C ALA B 49 24.57 9.77 4.00
N TRP B 50 23.97 9.28 2.91
CA TRP B 50 23.63 7.86 2.84
C TRP B 50 24.84 6.96 3.09
N ALA B 51 25.92 7.22 2.39
CA ALA B 51 27.12 6.42 2.53
C ALA B 51 27.68 6.54 3.95
N ARG B 52 27.88 7.77 4.39
CA ARG B 52 28.44 8.04 5.71
C ARG B 52 27.78 7.24 6.83
N GLY B 53 26.47 7.06 6.74
CA GLY B 53 25.79 6.31 7.79
C GLY B 53 25.72 4.81 7.56
N ARG B 54 26.20 4.33 6.41
CA ARG B 54 26.13 2.90 6.13
C ARG B 54 27.47 2.22 5.86
N ILE B 55 28.36 2.91 5.16
CA ILE B 55 29.66 2.33 4.82
C ILE B 55 30.68 2.37 5.94
N ARG B 56 31.45 1.28 6.06
CA ARG B 56 32.51 1.19 7.06
C ARG B 56 33.83 0.79 6.40
N PRO B 57 34.62 1.77 5.96
CA PRO B 57 35.92 1.50 5.32
C PRO B 57 36.77 0.62 6.23
N PRO B 58 37.62 -0.25 5.67
CA PRO B 58 37.87 -0.49 4.23
C PRO B 58 36.82 -1.39 3.59
N LEU B 59 36.33 -0.97 2.44
CA LEU B 59 35.32 -1.73 1.72
C LEU B 59 35.57 -1.83 0.23
N VAL B 60 35.51 -3.05 -0.29
CA VAL B 60 35.65 -3.25 -1.72
C VAL B 60 34.18 -3.19 -2.15
N THR B 61 33.84 -2.25 -3.00
CA THR B 61 32.45 -2.12 -3.43
C THR B 61 32.07 -3.01 -4.60
N GLY B 62 30.86 -2.80 -5.11
CA GLY B 62 30.39 -3.58 -6.24
C GLY B 62 29.43 -4.70 -5.84
N HIS B 63 28.15 -4.53 -6.15
CA HIS B 63 27.18 -5.54 -5.82
C HIS B 63 26.41 -6.04 -7.04
N GLU B 64 26.70 -5.51 -8.22
CA GLU B 64 26.05 -5.93 -9.46
C GLU B 64 27.07 -6.65 -10.33
N PHE B 65 27.16 -7.97 -10.21
CA PHE B 65 28.16 -8.68 -11.01
C PHE B 65 27.86 -10.14 -11.34
N SER B 66 28.72 -10.72 -12.19
CA SER B 66 28.58 -12.13 -12.59
C SER B 66 29.95 -12.66 -12.92
N GLY B 67 30.10 -13.98 -12.87
CA GLY B 67 31.37 -14.58 -13.17
C GLY B 67 31.30 -16.09 -13.11
N VAL B 68 32.46 -16.72 -12.95
CA VAL B 68 32.52 -18.18 -12.91
C VAL B 68 32.87 -18.66 -11.52
N VAL B 69 32.29 -19.79 -11.12
CA VAL B 69 32.59 -20.34 -9.81
C VAL B 69 33.95 -21.00 -9.93
N GLU B 70 34.99 -20.32 -9.45
CA GLU B 70 36.32 -20.89 -9.54
C GLU B 70 36.62 -21.88 -8.45
N ALA B 71 35.93 -21.75 -7.32
CA ALA B 71 36.16 -22.65 -6.19
C ALA B 71 34.99 -22.63 -5.24
N VAL B 72 34.84 -23.70 -4.49
CA VAL B 72 33.74 -23.81 -3.54
C VAL B 72 34.32 -24.28 -2.21
N GLY B 73 33.70 -23.84 -1.12
CA GLY B 73 34.19 -24.21 0.20
C GLY B 73 33.89 -25.64 0.54
N PRO B 74 34.52 -26.18 1.59
CA PRO B 74 34.24 -27.56 1.94
C PRO B 74 32.75 -27.79 2.15
N GLY B 75 32.25 -28.88 1.57
CA GLY B 75 30.85 -29.23 1.72
C GLY B 75 29.88 -28.46 0.83
N VAL B 76 30.39 -27.60 -0.04
CA VAL B 76 29.48 -26.85 -0.90
C VAL B 76 29.04 -27.71 -2.07
N ARG B 77 27.79 -28.14 -2.04
CA ARG B 77 27.22 -28.99 -3.09
C ARG B 77 26.82 -28.20 -4.33
N ARG B 78 26.43 -26.94 -4.14
CA ARG B 78 26.01 -26.10 -5.26
C ARG B 78 26.20 -24.61 -4.98
N PRO B 79 26.56 -23.81 -6.00
CA PRO B 79 26.76 -24.27 -7.37
C PRO B 79 28.03 -25.08 -7.45
N GLN B 80 28.56 -25.23 -8.66
CA GLN B 80 29.77 -26.00 -8.87
C GLN B 80 30.83 -25.24 -9.64
N VAL B 81 32.08 -25.66 -9.44
CA VAL B 81 33.19 -25.02 -10.13
C VAL B 81 32.86 -25.04 -11.62
N GLY B 82 33.04 -23.90 -12.28
CA GLY B 82 32.75 -23.83 -13.70
C GLY B 82 31.42 -23.15 -13.98
N ASP B 83 30.49 -23.23 -13.03
CA ASP B 83 29.20 -22.61 -13.23
C ASP B 83 29.29 -21.10 -13.46
N HIS B 84 28.45 -20.61 -14.35
CA HIS B 84 28.36 -19.20 -14.66
C HIS B 84 27.28 -18.73 -13.69
N VAL B 85 27.54 -17.65 -12.97
CA VAL B 85 26.53 -17.19 -12.02
C VAL B 85 26.35 -15.70 -11.93
N SER B 86 25.17 -15.32 -11.45
CA SER B 86 24.80 -13.93 -11.20
C SER B 86 24.65 -13.99 -9.69
N LEU B 87 24.86 -12.87 -9.01
CA LEU B 87 24.76 -12.90 -7.56
C LEU B 87 23.67 -12.06 -6.96
N GLU B 88 23.03 -12.61 -5.94
CA GLU B 88 22.01 -11.90 -5.19
C GLU B 88 22.86 -11.12 -4.18
N SER B 89 22.72 -9.80 -4.18
CA SER B 89 23.49 -8.94 -3.27
C SER B 89 23.10 -9.08 -1.80
N HIS B 90 21.82 -9.30 -1.52
CA HIS B 90 21.35 -9.45 -0.16
C HIS B 90 21.66 -10.81 0.44
N ILE B 91 22.31 -10.81 1.60
CA ILE B 91 22.65 -12.04 2.31
C ILE B 91 21.73 -12.08 3.52
N VAL B 92 20.83 -13.05 3.55
CA VAL B 92 19.86 -13.16 4.62
C VAL B 92 20.29 -14.07 5.77
N CYS B 93 19.68 -13.83 6.94
CA CYS B 93 20.01 -14.56 8.16
C CYS B 93 19.25 -15.84 8.46
N HIS B 94 18.10 -16.05 7.82
CA HIS B 94 17.32 -17.27 8.06
C HIS B 94 16.93 -17.43 9.54
N ALA B 95 17.01 -16.35 10.30
CA ALA B 95 16.68 -16.40 11.71
C ALA B 95 15.99 -15.14 12.23
N CYS B 96 15.11 -14.56 11.41
CA CYS B 96 14.38 -13.36 11.80
C CYS B 96 12.93 -13.51 11.35
N PRO B 97 12.02 -12.68 11.89
CA PRO B 97 10.60 -12.75 11.50
C PRO B 97 10.36 -12.61 10.00
N ALA B 98 11.12 -11.76 9.33
CA ALA B 98 10.95 -11.58 7.88
C ALA B 98 11.28 -12.91 7.18
N CYS B 99 12.45 -13.47 7.51
CA CYS B 99 12.87 -14.72 6.89
C CYS B 99 11.93 -15.90 7.15
N ARG B 100 11.40 -15.98 8.37
CA ARG B 100 10.50 -17.09 8.70
C ARG B 100 9.27 -16.98 7.80
N THR B 101 8.91 -15.74 7.45
CA THR B 101 7.75 -15.48 6.60
C THR B 101 8.07 -15.70 5.12
N GLY B 102 9.36 -15.72 4.79
CA GLY B 102 9.74 -15.88 3.40
C GLY B 102 10.07 -14.53 2.77
N ASN B 103 9.84 -13.44 3.51
CA ASN B 103 10.15 -12.12 2.99
C ASN B 103 11.66 -11.83 3.15
N TYR B 104 12.49 -12.69 2.57
CA TYR B 104 13.94 -12.54 2.67
C TYR B 104 14.45 -11.20 2.14
N HIS B 105 13.70 -10.60 1.24
CA HIS B 105 14.12 -9.32 0.68
C HIS B 105 14.13 -8.21 1.75
N VAL B 106 13.52 -8.47 2.90
CA VAL B 106 13.50 -7.49 4.00
C VAL B 106 13.99 -8.08 5.31
N CYS B 107 14.91 -9.03 5.21
CA CYS B 107 15.51 -9.68 6.36
C CYS B 107 15.98 -8.60 7.36
N LEU B 108 15.56 -8.70 8.61
CA LEU B 108 15.94 -7.72 9.61
C LEU B 108 17.46 -7.56 9.70
N ASN B 109 18.19 -8.63 9.41
CA ASN B 109 19.65 -8.59 9.47
C ASN B 109 20.35 -8.60 8.11
N THR B 110 19.69 -8.07 7.09
CA THR B 110 20.26 -8.06 5.75
C THR B 110 21.68 -7.50 5.67
N GLN B 111 22.55 -8.25 5.00
CA GLN B 111 23.94 -7.84 4.76
C GLN B 111 24.04 -7.72 3.23
N ILE B 112 24.69 -6.67 2.74
CA ILE B 112 24.78 -6.48 1.29
C ILE B 112 26.18 -6.43 0.70
N LEU B 113 26.47 -7.40 -0.18
CA LEU B 113 27.76 -7.46 -0.87
C LEU B 113 28.07 -6.09 -1.44
N GLY B 114 29.34 -5.68 -1.33
CA GLY B 114 29.75 -4.38 -1.84
C GLY B 114 29.26 -3.19 -1.01
N VAL B 115 28.62 -3.47 0.12
CA VAL B 115 28.11 -2.41 0.98
C VAL B 115 28.52 -2.63 2.42
N ASP B 116 28.19 -3.80 2.96
CA ASP B 116 28.53 -4.18 4.33
C ASP B 116 29.78 -5.06 4.38
N ARG B 117 30.10 -5.69 3.24
CA ARG B 117 31.29 -6.56 3.13
C ARG B 117 31.82 -6.44 1.70
N ASP B 118 32.97 -7.05 1.41
CA ASP B 118 33.55 -6.93 0.07
C ASP B 118 32.70 -7.44 -1.07
N GLY B 119 32.56 -6.60 -2.10
CA GLY B 119 31.76 -6.92 -3.25
C GLY B 119 32.51 -7.33 -4.51
N GLY B 120 31.86 -7.13 -5.65
CA GLY B 120 32.41 -7.54 -6.93
C GLY B 120 33.28 -6.62 -7.77
N PHE B 121 33.68 -5.47 -7.26
CA PHE B 121 34.56 -4.61 -8.05
C PHE B 121 35.99 -5.12 -7.81
N ALA B 122 36.21 -6.39 -8.14
CA ALA B 122 37.50 -7.03 -7.97
C ALA B 122 37.57 -8.27 -8.89
N GLU B 123 38.73 -8.87 -9.01
CA GLU B 123 38.85 -10.04 -9.86
C GLU B 123 38.21 -11.24 -9.19
N TYR B 124 38.15 -11.20 -7.86
CA TYR B 124 37.57 -12.30 -7.11
C TYR B 124 36.73 -11.81 -5.92
N VAL B 125 35.73 -12.60 -5.55
CA VAL B 125 34.87 -12.24 -4.46
C VAL B 125 34.31 -13.51 -3.85
N VAL B 126 34.23 -13.56 -2.53
CA VAL B 126 33.68 -14.72 -1.84
C VAL B 126 32.28 -14.32 -1.41
N VAL B 127 31.32 -15.19 -1.72
CA VAL B 127 29.93 -14.94 -1.39
C VAL B 127 29.31 -16.23 -0.86
N PRO B 128 28.12 -16.14 -0.25
CA PRO B 128 27.46 -17.33 0.27
C PRO B 128 27.03 -18.20 -0.91
N ALA B 129 27.21 -19.52 -0.79
CA ALA B 129 26.82 -20.43 -1.86
C ALA B 129 25.38 -20.17 -2.31
N GLU B 130 24.49 -20.03 -1.34
CA GLU B 130 23.09 -19.80 -1.64
C GLU B 130 22.76 -18.50 -2.35
N ASN B 131 23.76 -17.66 -2.58
CA ASN B 131 23.50 -16.38 -3.25
C ASN B 131 23.82 -16.41 -4.72
N ALA B 132 24.38 -17.54 -5.17
CA ALA B 132 24.75 -17.69 -6.57
C ALA B 132 23.62 -18.29 -7.41
N TRP B 133 23.15 -17.54 -8.39
CA TRP B 133 22.11 -18.02 -9.29
C TRP B 133 22.81 -18.47 -10.58
N VAL B 134 22.80 -19.78 -10.82
CA VAL B 134 23.44 -20.36 -11.99
C VAL B 134 22.68 -20.00 -13.28
N ASN B 135 23.40 -19.41 -14.22
CA ASN B 135 22.86 -19.01 -15.52
C ASN B 135 23.32 -19.97 -16.62
N PRO B 136 22.63 -19.94 -17.77
CA PRO B 136 23.02 -20.81 -18.89
C PRO B 136 24.38 -20.32 -19.35
N LYS B 137 25.30 -21.24 -19.62
CA LYS B 137 26.65 -20.87 -20.05
C LYS B 137 26.66 -19.89 -21.23
N ASP B 138 25.60 -19.85 -22.01
CA ASP B 138 25.61 -18.95 -23.17
C ASP B 138 25.12 -17.53 -22.91
N LEU B 139 24.61 -17.26 -21.71
CA LEU B 139 24.14 -15.93 -21.38
C LEU B 139 25.36 -15.00 -21.24
N PRO B 140 25.39 -13.90 -21.99
CA PRO B 140 26.52 -13.00 -21.89
C PRO B 140 26.73 -12.42 -20.49
N PHE B 141 27.93 -12.60 -19.95
CA PHE B 141 28.26 -12.12 -18.63
C PHE B 141 27.76 -10.70 -18.37
N GLU B 142 27.88 -9.82 -19.36
CA GLU B 142 27.43 -8.45 -19.22
C GLU B 142 25.96 -8.41 -18.82
N VAL B 143 25.14 -9.26 -19.42
CA VAL B 143 23.72 -9.28 -19.10
C VAL B 143 23.56 -9.91 -17.72
N ALA B 144 24.29 -10.99 -17.49
CA ALA B 144 24.20 -11.67 -16.20
C ALA B 144 24.56 -10.69 -15.08
N ALA B 145 25.47 -9.77 -15.37
CA ALA B 145 25.91 -8.80 -14.40
C ALA B 145 24.82 -7.83 -13.98
N ILE B 146 23.82 -7.64 -14.83
CA ILE B 146 22.75 -6.72 -14.47
C ILE B 146 21.42 -7.37 -14.15
N LEU B 147 21.44 -8.65 -13.80
CA LEU B 147 20.21 -9.33 -13.43
C LEU B 147 19.75 -8.87 -12.05
N GLU B 148 20.68 -8.36 -11.25
CA GLU B 148 20.34 -7.89 -9.91
C GLU B 148 19.45 -6.65 -10.00
N PRO B 149 19.91 -5.58 -10.68
CA PRO B 149 19.02 -4.42 -10.74
C PRO B 149 17.75 -4.74 -11.53
N PHE B 150 17.88 -5.65 -12.49
CA PHE B 150 16.75 -6.06 -13.31
C PHE B 150 15.68 -6.66 -12.40
N GLY B 151 16.15 -7.37 -11.37
CA GLY B 151 15.24 -7.97 -10.41
C GLY B 151 14.42 -6.91 -9.67
N ASN B 152 15.02 -5.75 -9.42
CA ASN B 152 14.29 -4.69 -8.73
C ASN B 152 13.12 -4.25 -9.59
N ALA B 153 13.32 -4.27 -10.91
CA ALA B 153 12.27 -3.89 -11.84
C ALA B 153 11.21 -5.00 -11.82
N VAL B 154 11.68 -6.22 -11.98
CA VAL B 154 10.79 -7.37 -12.00
C VAL B 154 9.89 -7.41 -10.77
N HIS B 155 10.50 -7.28 -9.59
CA HIS B 155 9.78 -7.30 -8.32
C HIS B 155 8.68 -6.25 -8.29
N THR B 156 9.03 -5.03 -8.71
CA THR B 156 8.10 -3.93 -8.73
C THR B 156 6.93 -4.19 -9.69
N VAL B 157 7.23 -4.62 -10.91
CA VAL B 157 6.20 -4.88 -11.92
C VAL B 157 5.23 -6.00 -11.58
N TYR B 158 5.76 -7.12 -11.10
CA TYR B 158 4.93 -8.26 -10.79
C TYR B 158 4.34 -8.28 -9.40
N ALA B 159 4.63 -7.23 -8.63
CA ALA B 159 4.09 -7.15 -7.29
C ALA B 159 2.60 -6.84 -7.41
N GLY B 160 1.83 -7.11 -6.37
CA GLY B 160 0.42 -6.84 -6.42
C GLY B 160 -0.34 -7.55 -7.52
N SER B 161 -0.98 -6.80 -8.38
CA SER B 161 -1.77 -7.40 -9.44
C SER B 161 -1.07 -7.52 -10.78
N GLY B 162 0.21 -7.22 -10.83
CA GLY B 162 0.95 -7.32 -12.07
C GLY B 162 0.52 -6.25 -13.05
N VAL B 163 0.89 -6.40 -14.32
CA VAL B 163 0.54 -5.37 -15.29
C VAL B 163 -0.15 -5.83 -16.56
N SER B 164 -0.35 -7.14 -16.71
CA SER B 164 -1.00 -7.69 -17.92
C SER B 164 -2.40 -7.16 -18.15
N GLY B 165 -2.62 -6.58 -19.33
CA GLY B 165 -3.93 -6.04 -19.66
C GLY B 165 -4.28 -4.82 -18.82
N LYS B 166 -3.26 -4.14 -18.33
CA LYS B 166 -3.49 -2.97 -17.49
C LYS B 166 -2.75 -1.75 -18.00
N SER B 167 -3.36 -0.58 -17.80
CA SER B 167 -2.71 0.66 -18.20
C SER B 167 -1.65 0.93 -17.12
N VAL B 168 -0.45 1.28 -17.56
CA VAL B 168 0.64 1.53 -16.64
C VAL B 168 1.37 2.83 -16.87
N LEU B 169 1.69 3.52 -15.78
CA LEU B 169 2.46 4.76 -15.84
C LEU B 169 3.74 4.49 -15.06
N ILE B 170 4.88 4.77 -15.69
CA ILE B 170 6.17 4.59 -15.07
C ILE B 170 6.84 5.94 -14.90
N THR B 171 7.04 6.36 -13.65
CA THR B 171 7.70 7.63 -13.36
C THR B 171 9.15 7.30 -13.04
N GLY B 172 10.05 7.73 -13.91
CA GLY B 172 11.45 7.46 -13.70
C GLY B 172 12.00 6.55 -14.77
N ALA B 173 12.72 7.16 -15.72
CA ALA B 173 13.31 6.41 -16.81
C ALA B 173 14.78 6.16 -16.50
N GLY B 174 15.10 6.03 -15.22
CA GLY B 174 16.46 5.73 -14.85
C GLY B 174 16.71 4.30 -15.28
N PRO B 175 17.90 3.74 -15.02
CA PRO B 175 18.19 2.35 -15.42
C PRO B 175 17.08 1.36 -15.05
N ILE B 176 16.70 1.36 -13.78
CA ILE B 176 15.68 0.45 -13.30
C ILE B 176 14.31 0.70 -13.91
N GLY B 177 14.00 1.96 -14.17
CA GLY B 177 12.72 2.29 -14.76
C GLY B 177 12.67 1.80 -16.21
N LEU B 178 13.78 1.93 -16.92
CA LEU B 178 13.84 1.47 -18.30
C LEU B 178 13.64 -0.04 -18.33
N MET B 179 14.29 -0.72 -17.38
CA MET B 179 14.16 -2.16 -17.30
C MET B 179 12.69 -2.49 -17.02
N ALA B 180 12.05 -1.67 -16.20
CA ALA B 180 10.66 -1.92 -15.89
C ALA B 180 9.83 -1.70 -17.14
N ALA B 181 10.24 -0.73 -17.96
CA ALA B 181 9.54 -0.44 -19.19
C ALA B 181 9.63 -1.64 -20.12
N MET B 182 10.80 -2.25 -20.18
CA MET B 182 10.96 -3.42 -21.03
C MET B 182 10.05 -4.52 -20.54
N VAL B 183 10.11 -4.78 -19.24
CA VAL B 183 9.30 -5.83 -18.63
C VAL B 183 7.81 -5.64 -18.83
N VAL B 184 7.29 -4.45 -18.52
CA VAL B 184 5.85 -4.24 -18.69
C VAL B 184 5.43 -4.38 -20.15
N ARG B 185 6.27 -3.90 -21.06
CA ARG B 185 5.95 -4.01 -22.48
C ARG B 185 5.86 -5.49 -22.85
N ALA B 186 6.81 -6.27 -22.35
CA ALA B 186 6.84 -7.69 -22.63
C ALA B 186 5.79 -8.46 -21.82
N SER B 187 5.16 -7.79 -20.87
CA SER B 187 4.17 -8.45 -20.03
C SER B 187 2.75 -8.15 -20.44
N GLY B 188 2.61 -7.33 -21.48
CA GLY B 188 1.29 -7.03 -21.99
C GLY B 188 0.51 -5.90 -21.36
N ALA B 189 1.23 -4.89 -20.86
CA ALA B 189 0.57 -3.75 -20.27
C ALA B 189 0.23 -2.83 -21.44
N GLY B 190 -0.79 -2.00 -21.28
CA GLY B 190 -1.16 -1.09 -22.34
C GLY B 190 -2.44 -0.34 -22.01
N PRO B 191 -2.47 0.97 -22.21
CA PRO B 191 -1.35 1.77 -22.73
C PRO B 191 -0.22 1.82 -21.71
N ILE B 192 0.99 2.08 -22.18
CA ILE B 192 2.14 2.18 -21.30
C ILE B 192 2.76 3.56 -21.45
N LEU B 193 2.80 4.32 -20.36
CA LEU B 193 3.40 5.66 -20.39
C LEU B 193 4.61 5.69 -19.47
N VAL B 194 5.66 6.37 -19.91
CA VAL B 194 6.87 6.52 -19.13
C VAL B 194 7.21 8.00 -19.04
N SER B 195 7.48 8.47 -17.83
CA SER B 195 7.79 9.87 -17.61
C SER B 195 9.16 10.10 -16.97
N ASP B 196 9.95 10.98 -17.58
CA ASP B 196 11.28 11.34 -17.07
C ASP B 196 11.81 12.55 -17.83
N PRO B 197 12.25 13.60 -17.10
CA PRO B 197 12.78 14.82 -17.73
C PRO B 197 14.11 14.68 -18.48
N ASN B 198 14.88 13.64 -18.17
CA ASN B 198 16.15 13.44 -18.86
C ASN B 198 15.86 12.85 -20.24
N PRO B 199 15.91 13.69 -21.30
CA PRO B 199 15.64 13.23 -22.67
C PRO B 199 16.54 12.08 -23.11
N TYR B 200 17.81 12.12 -22.74
CA TYR B 200 18.72 11.05 -23.11
C TYR B 200 18.16 9.71 -22.65
N ARG B 201 17.67 9.69 -21.41
CA ARG B 201 17.12 8.48 -20.84
C ARG B 201 15.72 8.15 -21.30
N LEU B 202 14.84 9.14 -21.32
CA LEU B 202 13.47 8.91 -21.75
C LEU B 202 13.44 8.22 -23.10
N ALA B 203 14.45 8.52 -23.91
CA ALA B 203 14.58 7.94 -25.25
C ALA B 203 14.70 6.42 -25.27
N PHE B 204 15.49 5.84 -24.37
CA PHE B 204 15.63 4.39 -24.37
C PHE B 204 14.30 3.66 -24.15
N ALA B 205 13.27 4.39 -23.73
CA ALA B 205 11.99 3.75 -23.48
C ALA B 205 11.10 3.73 -24.72
N ARG B 206 11.44 4.56 -25.70
CA ARG B 206 10.68 4.67 -26.94
C ARG B 206 10.17 3.36 -27.54
N PRO B 207 11.03 2.33 -27.58
CA PRO B 207 10.56 1.06 -28.15
C PRO B 207 9.68 0.19 -27.23
N TYR B 208 9.50 0.62 -25.98
CA TYR B 208 8.71 -0.17 -25.06
C TYR B 208 7.45 0.54 -24.61
N ALA B 209 7.56 1.85 -24.40
CA ALA B 209 6.44 2.66 -23.97
C ALA B 209 5.55 3.05 -25.14
N ASP B 210 4.28 3.30 -24.85
CA ASP B 210 3.32 3.71 -25.86
C ASP B 210 3.30 5.23 -25.94
N ARG B 211 3.67 5.86 -24.83
CA ARG B 211 3.70 7.31 -24.78
C ARG B 211 4.82 7.73 -23.88
N LEU B 212 5.69 8.59 -24.40
CA LEU B 212 6.82 9.10 -23.63
C LEU B 212 6.43 10.50 -23.18
N VAL B 213 6.83 10.86 -21.97
CA VAL B 213 6.48 12.18 -21.45
C VAL B 213 7.60 12.83 -20.67
N ASN B 214 7.87 14.08 -21.02
CA ASN B 214 8.88 14.88 -20.33
C ASN B 214 8.01 15.76 -19.45
N PRO B 215 7.86 15.40 -18.17
CA PRO B 215 7.03 16.17 -17.24
C PRO B 215 7.33 17.67 -17.21
N LEU B 216 8.52 18.05 -17.66
CA LEU B 216 8.87 19.46 -17.70
C LEU B 216 8.27 20.13 -18.94
N GLU B 217 8.12 19.37 -20.02
CA GLU B 217 7.57 19.89 -21.26
C GLU B 217 6.05 19.77 -21.35
N GLU B 218 5.50 18.65 -20.86
CA GLU B 218 4.06 18.45 -20.91
C GLU B 218 3.46 18.17 -19.54
N ASP B 219 2.14 18.30 -19.43
CA ASP B 219 1.47 18.03 -18.18
C ASP B 219 1.17 16.54 -18.16
N LEU B 220 2.01 15.78 -17.46
CA LEU B 220 1.85 14.34 -17.37
C LEU B 220 0.42 13.92 -17.12
N LEU B 221 -0.24 14.54 -16.15
CA LEU B 221 -1.61 14.19 -15.84
C LEU B 221 -2.56 14.33 -17.01
N GLU B 222 -2.48 15.44 -17.72
CA GLU B 222 -3.37 15.63 -18.84
C GLU B 222 -3.01 14.64 -19.97
N VAL B 223 -1.74 14.29 -20.10
CA VAL B 223 -1.35 13.35 -21.13
C VAL B 223 -1.93 11.96 -20.83
N VAL B 224 -1.97 11.61 -19.55
CA VAL B 224 -2.53 10.33 -19.16
C VAL B 224 -4.03 10.34 -19.41
N ARG B 225 -4.65 11.49 -19.17
CA ARG B 225 -6.09 11.61 -19.38
C ARG B 225 -6.41 11.33 -20.84
N ARG B 226 -5.55 11.81 -21.75
CA ARG B 226 -5.79 11.59 -23.17
C ARG B 226 -5.51 10.16 -23.59
N VAL B 227 -4.42 9.61 -23.05
CA VAL B 227 -4.03 8.25 -23.38
C VAL B 227 -4.94 7.17 -22.84
N THR B 228 -5.50 7.38 -21.66
CA THR B 228 -6.35 6.34 -21.06
C THR B 228 -7.79 6.77 -20.89
N GLY B 229 -8.04 8.07 -20.99
CA GLY B 229 -9.41 8.56 -20.83
C GLY B 229 -9.69 8.92 -19.39
N SER B 230 -8.74 8.63 -18.50
CA SER B 230 -8.87 8.93 -17.08
C SER B 230 -7.50 8.76 -16.41
N GLY B 231 -7.26 7.60 -15.83
CA GLY B 231 -5.98 7.38 -15.18
C GLY B 231 -5.41 6.03 -15.56
N VAL B 232 -4.31 5.65 -14.92
CA VAL B 232 -3.69 4.36 -15.17
C VAL B 232 -4.12 3.43 -14.04
N GLU B 233 -4.01 2.12 -14.25
CA GLU B 233 -4.38 1.16 -13.22
C GLU B 233 -3.21 0.87 -12.32
N VAL B 234 -2.01 1.12 -12.83
CA VAL B 234 -0.81 0.84 -12.07
C VAL B 234 0.22 1.93 -12.25
N LEU B 235 0.86 2.29 -11.14
CA LEU B 235 1.91 3.29 -11.13
C LEU B 235 3.15 2.61 -10.61
N LEU B 236 4.21 2.62 -11.40
CA LEU B 236 5.47 2.02 -11.00
C LEU B 236 6.40 3.22 -10.79
N GLU B 237 6.67 3.52 -9.53
CA GLU B 237 7.50 4.66 -9.14
C GLU B 237 8.99 4.32 -8.99
N PHE B 238 9.82 4.86 -9.88
CA PHE B 238 11.26 4.61 -9.85
C PHE B 238 12.08 5.88 -9.84
N SER B 239 11.53 7.00 -9.38
CA SER B 239 12.30 8.23 -9.39
C SER B 239 12.75 8.69 -8.00
N GLY B 240 11.84 8.61 -7.04
CA GLY B 240 12.14 9.05 -5.69
C GLY B 240 11.92 10.55 -5.59
N ASN B 241 11.34 11.12 -6.64
CA ASN B 241 11.05 12.55 -6.68
C ASN B 241 9.66 12.84 -6.14
N GLU B 242 9.61 13.56 -5.03
CA GLU B 242 8.32 13.88 -4.40
C GLU B 242 7.24 14.35 -5.36
N ALA B 243 7.57 15.30 -6.22
CA ALA B 243 6.61 15.83 -7.18
C ALA B 243 6.09 14.70 -8.07
N ALA B 244 7.02 13.88 -8.57
CA ALA B 244 6.65 12.77 -9.44
C ALA B 244 5.68 11.86 -8.69
N ILE B 245 5.95 11.61 -7.41
CA ILE B 245 5.11 10.75 -6.60
C ILE B 245 3.68 11.25 -6.48
N HIS B 246 3.51 12.52 -6.15
CA HIS B 246 2.16 13.08 -6.02
C HIS B 246 1.46 13.07 -7.37
N GLN B 247 2.23 13.40 -8.39
CA GLN B 247 1.71 13.43 -9.74
C GLN B 247 1.27 12.00 -10.08
N GLY B 248 2.21 11.07 -9.92
CA GLY B 248 1.94 9.67 -10.21
C GLY B 248 0.75 9.13 -9.47
N LEU B 249 0.61 9.50 -8.19
CA LEU B 249 -0.52 9.04 -7.40
C LEU B 249 -1.82 9.68 -7.89
N MET B 250 -1.73 10.83 -8.54
CA MET B 250 -2.92 11.49 -9.04
C MET B 250 -3.37 10.83 -10.34
N ALA B 251 -2.40 10.35 -11.11
CA ALA B 251 -2.68 9.70 -12.39
C ALA B 251 -3.31 8.34 -12.17
N LEU B 252 -3.29 7.90 -10.92
CA LEU B 252 -3.84 6.60 -10.58
C LEU B 252 -5.34 6.74 -10.51
N ILE B 253 -6.07 5.71 -10.95
CA ILE B 253 -7.52 5.74 -10.88
C ILE B 253 -7.84 5.17 -9.50
N PRO B 254 -9.00 5.52 -8.95
CA PRO B 254 -9.39 5.01 -7.64
C PRO B 254 -9.35 3.49 -7.66
N GLY B 255 -8.76 2.90 -6.61
CA GLY B 255 -8.67 1.45 -6.55
C GLY B 255 -7.41 0.92 -7.20
N GLY B 256 -6.64 1.81 -7.80
CA GLY B 256 -5.41 1.42 -8.46
C GLY B 256 -4.32 0.99 -7.50
N GLU B 257 -3.15 0.68 -8.03
CA GLU B 257 -2.03 0.26 -7.22
C GLU B 257 -0.80 1.08 -7.55
N ALA B 258 -0.06 1.45 -6.52
CA ALA B 258 1.17 2.19 -6.69
C ALA B 258 2.26 1.30 -6.11
N ARG B 259 3.21 0.92 -6.93
CA ARG B 259 4.30 0.05 -6.50
C ARG B 259 5.48 0.99 -6.47
N ILE B 260 6.08 1.12 -5.30
CA ILE B 260 7.18 2.07 -5.13
C ILE B 260 8.52 1.46 -4.79
N LEU B 261 9.51 1.74 -5.63
CA LEU B 261 10.85 1.25 -5.42
C LEU B 261 11.69 2.47 -5.10
N GLY B 262 11.33 3.57 -5.74
CA GLY B 262 12.03 4.82 -5.56
C GLY B 262 12.30 5.19 -4.12
N ILE B 263 13.51 5.68 -3.88
CA ILE B 263 13.91 6.09 -2.55
C ILE B 263 14.04 7.61 -2.52
N PRO B 264 13.05 8.31 -1.93
CA PRO B 264 13.13 9.78 -1.88
C PRO B 264 14.25 10.19 -0.91
N SER B 265 14.97 11.27 -1.22
CA SER B 265 16.06 11.69 -0.36
C SER B 265 15.59 12.30 0.97
N ASP B 266 14.38 12.84 1.00
CA ASP B 266 13.86 13.44 2.21
C ASP B 266 12.39 13.10 2.41
N PRO B 267 11.92 13.12 3.65
CA PRO B 267 10.52 12.81 3.90
C PRO B 267 9.66 13.65 2.97
N ILE B 268 8.45 13.19 2.69
CA ILE B 268 7.58 13.92 1.79
C ILE B 268 6.35 14.41 2.50
N ARG B 269 5.66 15.34 1.88
CA ARG B 269 4.43 15.86 2.44
C ARG B 269 3.42 14.90 1.83
N PHE B 270 2.70 14.18 2.67
CA PHE B 270 1.76 13.20 2.17
C PHE B 270 0.36 13.34 2.73
N ASP B 271 -0.60 13.60 1.85
CA ASP B 271 -1.98 13.73 2.24
C ASP B 271 -2.55 12.32 2.21
N LEU B 272 -2.28 11.57 3.27
CA LEU B 272 -2.71 10.19 3.40
C LEU B 272 -4.17 9.96 3.00
N ALA B 273 -5.05 10.79 3.53
CA ALA B 273 -6.47 10.67 3.24
C ALA B 273 -6.82 10.95 1.78
N GLY B 274 -6.20 11.97 1.21
CA GLY B 274 -6.49 12.33 -0.17
C GLY B 274 -5.78 11.52 -1.25
N GLU B 275 -4.54 11.11 -1.01
CA GLU B 275 -3.78 10.36 -2.01
C GLU B 275 -3.82 8.84 -1.84
N LEU B 276 -4.27 8.34 -0.71
CA LEU B 276 -4.31 6.90 -0.52
C LEU B 276 -5.66 6.35 -0.05
N VAL B 277 -6.05 6.72 1.17
CA VAL B 277 -7.28 6.22 1.77
C VAL B 277 -8.57 6.42 0.98
N MET B 278 -8.99 7.66 0.80
CA MET B 278 -10.24 7.94 0.10
C MET B 278 -10.33 7.43 -1.34
N ARG B 279 -9.19 7.20 -1.97
CA ARG B 279 -9.19 6.72 -3.35
C ARG B 279 -8.95 5.22 -3.44
N GLY B 280 -8.97 4.55 -2.28
CA GLY B 280 -8.79 3.12 -2.24
C GLY B 280 -7.51 2.62 -2.88
N ILE B 281 -6.49 3.47 -2.92
CA ILE B 281 -5.20 3.10 -3.50
C ILE B 281 -4.43 2.16 -2.58
N THR B 282 -3.58 1.33 -3.17
CA THR B 282 -2.76 0.42 -2.40
C THR B 282 -1.33 0.73 -2.79
N ALA B 283 -0.51 1.05 -1.81
CA ALA B 283 0.88 1.38 -2.09
C ALA B 283 1.77 0.24 -1.67
N PHE B 284 2.51 -0.28 -2.63
CA PHE B 284 3.40 -1.39 -2.36
C PHE B 284 4.83 -0.92 -2.23
N GLY B 285 5.39 -1.11 -1.04
CA GLY B 285 6.77 -0.74 -0.81
C GLY B 285 7.60 -1.90 -1.34
N ILE B 286 8.37 -1.64 -2.38
CA ILE B 286 9.21 -2.66 -2.98
C ILE B 286 10.65 -2.56 -2.53
N ALA B 287 11.15 -3.66 -1.97
CA ALA B 287 12.53 -3.71 -1.49
C ALA B 287 13.24 -4.95 -2.01
N GLY B 288 14.38 -4.75 -2.65
CA GLY B 288 15.16 -5.85 -3.17
C GLY B 288 14.45 -6.75 -4.16
N ARG B 289 14.77 -8.04 -4.08
CA ARG B 289 14.20 -9.04 -4.96
C ARG B 289 13.66 -10.20 -4.14
N ARG B 290 12.39 -10.56 -4.36
CA ARG B 290 11.82 -11.68 -3.61
C ARG B 290 12.73 -12.86 -3.86
N LEU B 291 13.25 -13.45 -2.80
CA LEU B 291 14.19 -14.51 -3.04
C LEU B 291 13.68 -15.74 -3.69
N TRP B 292 14.13 -15.77 -4.95
CA TRP B 292 13.92 -16.78 -5.97
C TRP B 292 12.70 -16.53 -6.83
N GLN B 293 11.60 -16.10 -6.25
CA GLN B 293 10.40 -15.85 -7.07
C GLN B 293 10.74 -14.76 -8.10
N THR B 294 11.44 -13.72 -7.65
CA THR B 294 11.81 -12.63 -8.56
C THR B 294 12.85 -13.07 -9.57
N TRP B 295 13.85 -13.81 -9.11
CA TRP B 295 14.88 -14.30 -10.00
C TRP B 295 14.31 -15.26 -11.06
N MET B 296 13.33 -16.06 -10.67
CA MET B 296 12.72 -17.00 -11.60
C MET B 296 12.03 -16.24 -12.72
N GLN B 297 11.14 -15.33 -12.33
CA GLN B 297 10.40 -14.51 -13.30
C GLN B 297 11.35 -13.73 -14.20
N GLY B 298 12.29 -13.03 -13.59
CA GLY B 298 13.24 -12.24 -14.36
C GLY B 298 14.14 -13.03 -15.28
N THR B 299 14.76 -14.10 -14.79
CA THR B 299 15.63 -14.89 -15.67
C THR B 299 14.79 -15.59 -16.73
N ALA B 300 13.54 -15.91 -16.40
CA ALA B 300 12.65 -16.55 -17.36
C ALA B 300 12.47 -15.60 -18.55
N LEU B 301 12.20 -14.33 -18.27
CA LEU B 301 12.02 -13.34 -19.32
C LEU B 301 13.28 -13.18 -20.16
N VAL B 302 14.42 -13.20 -19.48
CA VAL B 302 15.70 -13.03 -20.15
C VAL B 302 16.12 -14.26 -20.97
N TYR B 303 16.10 -15.43 -20.33
CA TYR B 303 16.50 -16.66 -21.00
C TYR B 303 15.72 -16.97 -22.27
N SER B 304 14.42 -16.70 -22.24
CA SER B 304 13.55 -16.97 -23.37
C SER B 304 13.50 -15.85 -24.40
N GLY B 305 14.08 -14.71 -24.09
CA GLY B 305 14.07 -13.61 -25.04
C GLY B 305 12.82 -12.75 -24.97
N ARG B 306 11.96 -13.00 -23.99
CA ARG B 306 10.73 -12.20 -23.84
C ARG B 306 11.17 -10.75 -23.70
N VAL B 307 12.33 -10.57 -23.09
CA VAL B 307 12.90 -9.24 -22.90
C VAL B 307 14.37 -9.32 -23.31
N ASP B 308 14.94 -8.20 -23.73
CA ASP B 308 16.35 -8.20 -24.12
C ASP B 308 17.01 -6.96 -23.53
N LEU B 309 17.86 -7.18 -22.54
CA LEU B 309 18.53 -6.09 -21.83
C LEU B 309 19.70 -5.42 -22.56
N SER B 310 20.27 -6.10 -23.55
CA SER B 310 21.41 -5.56 -24.31
C SER B 310 21.41 -4.07 -24.61
N PRO B 311 20.28 -3.52 -25.08
CA PRO B 311 20.31 -2.08 -25.36
C PRO B 311 20.56 -1.20 -24.13
N LEU B 312 20.46 -1.78 -22.93
CA LEU B 312 20.70 -0.98 -21.74
C LEU B 312 22.20 -0.84 -21.42
N LEU B 313 23.00 -1.76 -21.96
CA LEU B 313 24.44 -1.72 -21.75
C LEU B 313 25.03 -0.64 -22.66
N THR B 314 25.08 0.59 -22.16
CA THR B 314 25.59 1.71 -22.95
C THR B 314 27.10 1.90 -22.96
N HIS B 315 27.79 1.43 -21.92
CA HIS B 315 29.25 1.59 -21.85
C HIS B 315 29.94 0.40 -21.25
N ARG B 316 31.20 0.20 -21.65
CA ARG B 316 32.01 -0.89 -21.15
C ARG B 316 33.39 -0.28 -20.89
N LEU B 317 33.99 -0.62 -19.75
CA LEU B 317 35.29 -0.08 -19.38
C LEU B 317 36.03 -0.95 -18.38
N PRO B 318 37.36 -1.00 -18.46
CA PRO B 318 38.12 -1.82 -17.52
C PRO B 318 37.93 -1.18 -16.14
N LEU B 319 38.02 -1.98 -15.09
CA LEU B 319 37.85 -1.50 -13.73
C LEU B 319 38.84 -0.38 -13.41
N SER B 320 40.03 -0.44 -14.01
CA SER B 320 41.07 0.56 -13.77
C SER B 320 40.59 1.95 -14.18
N ARG B 321 39.55 2.02 -14.99
CA ARG B 321 39.03 3.31 -15.42
C ARG B 321 37.70 3.65 -14.80
N TYR B 322 37.51 3.22 -13.55
CA TYR B 322 36.27 3.48 -12.82
C TYR B 322 35.93 4.95 -12.73
N ARG B 323 36.93 5.80 -12.55
CA ARG B 323 36.69 7.24 -12.43
C ARG B 323 35.83 7.69 -13.59
N GLU B 324 36.28 7.38 -14.80
CA GLU B 324 35.54 7.74 -15.99
C GLU B 324 34.14 7.14 -15.91
N ALA B 325 34.08 5.86 -15.55
CA ALA B 325 32.80 5.15 -15.42
C ALA B 325 31.83 5.84 -14.46
N PHE B 326 32.28 6.17 -13.25
CA PHE B 326 31.39 6.81 -12.31
C PHE B 326 30.95 8.18 -12.80
N GLY B 327 31.86 8.90 -13.45
CA GLY B 327 31.53 10.21 -13.96
C GLY B 327 30.35 10.10 -14.92
N LEU B 328 30.40 9.12 -15.81
CA LEU B 328 29.34 8.91 -16.77
C LEU B 328 28.01 8.71 -16.04
N LEU B 329 27.96 7.76 -15.12
CA LEU B 329 26.73 7.52 -14.40
C LEU B 329 26.31 8.82 -13.70
N ALA B 330 27.28 9.51 -13.13
CA ALA B 330 27.02 10.78 -12.43
C ALA B 330 26.31 11.81 -13.34
N SER B 331 26.71 11.85 -14.61
CA SER B 331 26.14 12.78 -15.58
C SER B 331 24.72 12.39 -15.97
N GLY B 332 24.37 11.12 -15.76
CA GLY B 332 23.04 10.67 -16.12
C GLY B 332 22.95 10.44 -17.62
N GLN B 333 24.11 10.54 -18.27
CA GLN B 333 24.21 10.33 -19.71
C GLN B 333 24.73 8.91 -19.96
N ALA B 334 24.19 7.97 -19.20
CA ALA B 334 24.56 6.57 -19.34
C ALA B 334 23.48 5.74 -18.63
N VAL B 335 23.32 4.48 -19.05
CA VAL B 335 22.33 3.64 -18.41
C VAL B 335 23.10 2.59 -17.62
N LYS B 336 23.41 1.45 -18.22
CA LYS B 336 24.18 0.45 -17.48
C LYS B 336 25.61 0.43 -17.94
N VAL B 337 26.52 0.84 -17.05
CA VAL B 337 27.94 0.86 -17.34
C VAL B 337 28.59 -0.41 -16.81
N ILE B 338 29.30 -1.13 -17.67
CA ILE B 338 29.94 -2.38 -17.28
C ILE B 338 31.42 -2.18 -16.99
N LEU B 339 31.86 -2.67 -15.84
CA LEU B 339 33.25 -2.57 -15.47
C LEU B 339 33.85 -3.95 -15.64
N ASP B 340 35.04 -4.00 -16.22
CA ASP B 340 35.73 -5.27 -16.40
C ASP B 340 36.89 -5.27 -15.40
N PRO B 341 36.79 -6.11 -14.37
CA PRO B 341 37.81 -6.21 -13.33
C PRO B 341 39.16 -6.75 -13.80
N LYS B 342 39.19 -7.40 -14.95
CA LYS B 342 40.44 -7.96 -15.46
C LYS B 342 41.39 -6.93 -16.06
N ALA B 343 40.89 -5.73 -16.34
CA ALA B 343 41.71 -4.68 -16.93
C ALA B 343 41.69 -3.35 -16.14
ZN ZN C . -21.37 6.58 9.43
ZN ZN D . -18.85 4.70 -10.74
PA NAD E . -13.08 8.31 16.17
O1A NAD E . -14.31 8.18 16.99
O2A NAD E . -12.49 9.65 15.93
O5B NAD E . -11.91 7.39 16.79
C5B NAD E . -10.56 7.66 16.51
C4B NAD E . -9.88 7.14 17.76
O4B NAD E . -8.49 7.36 17.58
C3B NAD E . -10.26 7.90 19.03
O3B NAD E . -11.12 7.10 19.87
C2B NAD E . -8.94 8.23 19.66
O2B NAD E . -8.92 7.97 21.06
C1B NAD E . -7.94 7.38 18.89
N9A NAD E . -6.53 7.89 18.90
C8A NAD E . -6.08 9.15 18.81
N7A NAD E . -4.73 9.20 18.87
C5A NAD E . -4.39 7.94 19.02
C6A NAD E . -3.06 7.50 19.14
N6A NAD E . -2.05 8.34 19.13
N1A NAD E . -2.92 6.15 19.27
C2A NAD E . -3.97 5.30 19.29
N3A NAD E . -5.25 5.75 19.17
C4A NAD E . -5.47 7.07 19.03
O3 NAD E . -13.37 7.61 14.75
PN NAD E . -14.10 6.28 14.24
O1N NAD E . -15.55 6.52 14.15
O2N NAD E . -13.64 5.13 15.10
O5D NAD E . -13.51 6.16 12.74
C5D NAD E . -12.11 5.92 12.57
C4D NAD E . -11.49 6.82 11.51
O4D NAD E . -11.94 6.43 10.22
C3D NAD E . -11.85 8.29 11.63
O3D NAD E . -10.71 9.09 11.32
C2D NAD E . -12.95 8.49 10.60
O2D NAD E . -13.02 9.85 10.14
C1D NAD E . -12.51 7.53 9.51
N1N NAD E . -13.55 6.98 8.57
C2N NAD E . -13.05 6.64 7.29
C3N NAD E . -13.90 6.12 6.31
C7N NAD E . -13.33 5.75 4.91
O7N NAD E . -14.14 5.54 4.01
N7N NAD E . -11.99 5.66 4.77
C4N NAD E . -15.29 5.94 6.61
C5N NAD E . -15.81 6.28 7.90
C6N NAD E . -14.94 6.82 8.90
ZN ZN F . 22.64 -1.52 -7.64
ZN ZN G . 16.56 -12.65 8.26
PA NAD H . 18.17 6.84 -11.15
O1A NAD H . 19.18 6.44 -12.13
O2A NAD H . 18.51 7.84 -10.12
O5B NAD H . 16.84 7.37 -11.91
C5B NAD H . 15.84 8.16 -11.27
C4B NAD H . 15.24 8.89 -12.46
O4B NAD H . 14.19 9.73 -11.98
C3B NAD H . 16.22 9.82 -13.18
O3B NAD H . 16.55 9.32 -14.49
C2B NAD H . 15.49 11.13 -13.18
O2B NAD H . 15.69 11.89 -14.38
C1B NAD H . 14.06 10.74 -12.96
N9A NAD H . 13.16 11.85 -12.50
C8A NAD H . 13.44 12.92 -11.75
N7A NAD H . 12.36 13.71 -11.56
C5A NAD H . 11.41 13.09 -12.22
C6A NAD H . 10.09 13.55 -12.32
N6A NAD H . 9.70 14.67 -11.73
N1A NAD H . 9.24 12.75 -13.05
C2A NAD H . 9.66 11.62 -13.63
N3A NAD H . 10.94 11.18 -13.55
C4A NAD H . 11.84 11.91 -12.83
O3 NAD H . 17.64 5.52 -10.41
PN NAD H . 17.62 3.94 -10.71
O1N NAD H . 18.99 3.41 -10.67
O2N NAD H . 16.83 3.74 -11.97
O5D NAD H . 16.81 3.38 -9.43
C5D NAD H . 15.42 3.79 -9.26
C4D NAD H . 15.11 4.23 -7.81
O4D NAD H . 15.00 3.08 -6.98
C3D NAD H . 16.15 5.10 -7.15
O3D NAD H . 15.49 6.12 -6.38
C2D NAD H . 16.94 4.15 -6.26
O2D NAD H . 17.53 4.80 -5.11
C1D NAD H . 15.88 3.15 -5.85
N1N NAD H . 16.30 1.76 -5.57
C2N NAD H . 15.54 1.11 -4.59
C3N NAD H . 15.81 -0.20 -4.23
C7N NAD H . 14.95 -0.90 -3.16
O7N NAD H . 15.39 -1.93 -2.67
N7N NAD H . 13.78 -0.33 -2.84
C4N NAD H . 16.89 -0.89 -4.87
C5N NAD H . 17.68 -0.24 -5.87
C6N NAD H . 17.39 1.10 -6.22
#